data_6XQA
#
_entry.id   6XQA
#
_cell.length_a   46.066
_cell.length_b   122.966
_cell.length_c   86.590
_cell.angle_alpha   90.000
_cell.angle_beta   103.390
_cell.angle_gamma   90.000
#
_symmetry.space_group_name_H-M   'P 1 21 1'
#
loop_
_entity.id
_entity.type
_entity.pdbx_description
1 polymer 'MHC class I antigen'
2 polymer Beta-2-microglobulin
3 polymer 'PB2-549-557 peptide from Influenza B, TYQWVLKNL'
4 non-polymer 'MAGNESIUM ION'
5 water water
#
loop_
_entity_poly.entity_id
_entity_poly.type
_entity_poly.pdbx_seq_one_letter_code
_entity_poly.pdbx_strand_id
1 'polypeptide(L)'
;GSHSMRYFSTSVSRPGRGEPRFIAVGYVDDTQFVRFDSDAASQRMEPRAPWIEQEGPEYWDEETGKVKAHSQTDRENLRI
ALRYYNQSEAGSHTLQMMFGCDVGSDGRFLRGYHQYAYDGKDYIALKEDLRSWTAADMAAQITKRKWEAAHVAEQQRAYL
EGTCVDGLRRYLENGKETLQRTDPPKTHMTHHPISDHEATLRCWALGFYPAEITLTWQRDGEDQTQDTELVETRPAGDGT
FQKWAAVVVPSGEEQRYTCHVQHEGLPKPLTLRWEPSS
;
A,D
2 'polypeptide(L)'
;MIQRTPKIQVYSRHPAENGKSNFLNCYVSGFHPSDIEVDLLKNGERIEKVEHSDLSFSKDWSFYLLYYTEFTPTEKDEYA
CRVNHVTLSQPKIVKWDRDM
;
B,E
3 'polypeptide(L)' TYQWVLKNL C,F
#
loop_
_chem_comp.id
_chem_comp.type
_chem_comp.name
_chem_comp.formula
MG non-polymer 'MAGNESIUM ION' 'Mg 2'
#
# COMPACT_ATOMS: atom_id res chain seq x y z
N GLY A 1 -18.55 35.59 4.76
CA GLY A 1 -19.90 35.79 5.27
C GLY A 1 -20.37 34.55 5.97
N SER A 2 -21.17 33.73 5.26
CA SER A 2 -21.64 32.42 5.74
C SER A 2 -20.47 31.40 5.59
N HIS A 3 -20.37 30.45 6.53
CA HIS A 3 -19.28 29.46 6.56
C HIS A 3 -19.77 28.04 6.80
N SER A 4 -18.99 27.05 6.35
CA SER A 4 -19.31 25.65 6.53
C SER A 4 -18.14 24.81 7.04
N MET A 5 -18.47 23.71 7.70
CA MET A 5 -17.48 22.72 8.12
C MET A 5 -18.01 21.38 7.67
N ARG A 6 -17.17 20.59 6.98
CA ARG A 6 -17.59 19.26 6.53
C ARG A 6 -16.54 18.20 6.78
N TYR A 7 -16.98 16.97 7.09
CA TYR A 7 -16.12 15.79 7.24
C TYR A 7 -16.62 14.76 6.24
N PHE A 8 -15.69 14.23 5.45
CA PHE A 8 -16.01 13.27 4.42
C PHE A 8 -15.20 12.05 4.69
N SER A 9 -15.86 10.91 4.75
CA SER A 9 -15.17 9.66 4.99
C SER A 9 -15.57 8.66 3.95
N THR A 10 -14.62 7.77 3.61
CA THR A 10 -14.76 6.70 2.62
C THR A 10 -14.16 5.41 3.18
N SER A 11 -14.98 4.36 3.23
CA SER A 11 -14.59 3.02 3.66
C SER A 11 -14.76 2.12 2.43
N VAL A 12 -13.68 1.45 2.01
CA VAL A 12 -13.69 0.61 0.80
C VAL A 12 -13.20 -0.78 1.17
N SER A 13 -14.07 -1.79 1.02
CA SER A 13 -13.66 -3.16 1.33
C SER A 13 -12.83 -3.71 0.18
N ARG A 14 -11.91 -4.60 0.48
CA ARG A 14 -10.98 -5.20 -0.48
C ARG A 14 -10.80 -6.67 -0.04
N PRO A 15 -11.80 -7.53 -0.36
CA PRO A 15 -11.73 -8.94 0.09
C PRO A 15 -10.49 -9.67 -0.41
N GLY A 16 -9.81 -10.32 0.52
CA GLY A 16 -8.59 -11.06 0.25
C GLY A 16 -7.34 -10.22 0.50
N ARG A 17 -7.51 -8.89 0.47
CA ARG A 17 -6.42 -7.94 0.68
C ARG A 17 -6.52 -7.23 2.06
N GLY A 18 -7.04 -7.96 3.05
CA GLY A 18 -7.19 -7.45 4.42
C GLY A 18 -8.46 -6.66 4.62
N GLU A 19 -8.54 -5.97 5.77
CA GLU A 19 -9.71 -5.19 6.19
C GLU A 19 -9.98 -3.93 5.31
N PRO A 20 -11.17 -3.30 5.40
CA PRO A 20 -11.44 -2.14 4.54
C PRO A 20 -10.54 -0.94 4.82
N ARG A 21 -10.15 -0.20 3.75
CA ARG A 21 -9.38 1.02 3.98
C ARG A 21 -10.39 2.12 4.33
N PHE A 22 -10.04 2.94 5.32
CA PHE A 22 -10.83 4.06 5.79
C PHE A 22 -10.01 5.32 5.62
N ILE A 23 -10.57 6.31 4.95
CA ILE A 23 -9.94 7.61 4.75
C ILE A 23 -10.98 8.65 5.16
N ALA A 24 -10.60 9.60 6.01
CA ALA A 24 -11.47 10.71 6.39
C ALA A 24 -10.72 12.01 6.19
N VAL A 25 -11.40 13.06 5.73
CA VAL A 25 -10.85 14.41 5.49
C VAL A 25 -11.83 15.42 6.08
N GLY A 26 -11.32 16.54 6.61
CA GLY A 26 -12.12 17.62 7.19
C GLY A 26 -11.85 18.92 6.43
N TYR A 27 -12.89 19.71 6.15
CA TYR A 27 -12.86 20.99 5.45
C TYR A 27 -13.62 22.12 6.19
N VAL A 28 -13.08 23.32 6.08
CA VAL A 28 -13.73 24.55 6.50
C VAL A 28 -13.88 25.21 5.13
N ASP A 29 -15.14 25.41 4.68
CA ASP A 29 -15.40 25.91 3.33
C ASP A 29 -14.61 25.07 2.30
N ASP A 30 -13.67 25.68 1.55
CA ASP A 30 -12.93 24.93 0.53
C ASP A 30 -11.48 24.68 0.93
N THR A 31 -11.19 24.73 2.24
CA THR A 31 -9.85 24.51 2.76
C THR A 31 -9.81 23.22 3.59
N GLN A 32 -9.06 22.20 3.13
CA GLN A 32 -8.89 20.98 3.91
C GLN A 32 -8.03 21.30 5.14
N PHE A 33 -8.32 20.65 6.27
CA PHE A 33 -7.54 20.97 7.48
C PHE A 33 -7.08 19.73 8.23
N VAL A 34 -7.76 18.58 8.06
CA VAL A 34 -7.32 17.34 8.69
C VAL A 34 -7.51 16.21 7.75
N ARG A 35 -6.81 15.11 8.04
CA ARG A 35 -6.98 13.84 7.37
C ARG A 35 -6.67 12.71 8.36
N PHE A 36 -7.25 11.52 8.10
CA PHE A 36 -6.93 10.26 8.75
C PHE A 36 -7.00 9.23 7.65
N ASP A 37 -6.00 8.33 7.59
CA ASP A 37 -5.92 7.22 6.63
C ASP A 37 -5.60 5.96 7.46
N SER A 38 -6.51 4.96 7.46
CA SER A 38 -6.31 3.71 8.21
C SER A 38 -5.08 2.93 7.73
N ASP A 39 -4.65 3.12 6.45
CA ASP A 39 -3.44 2.46 5.93
C ASP A 39 -2.14 3.21 6.24
N ALA A 40 -2.19 4.48 6.68
CA ALA A 40 -0.96 5.25 6.98
C ALA A 40 -0.24 4.72 8.23
N ALA A 41 1.06 5.02 8.36
CA ALA A 41 1.85 4.50 9.49
C ALA A 41 1.53 5.18 10.80
N SER A 42 1.22 6.49 10.78
CA SER A 42 0.99 7.29 11.98
C SER A 42 -0.16 6.84 12.86
N GLN A 43 -1.28 6.33 12.28
CA GLN A 43 -2.48 5.94 13.03
C GLN A 43 -3.08 7.12 13.84
N ARG A 44 -2.84 8.35 13.38
CA ARG A 44 -3.31 9.57 14.01
C ARG A 44 -4.04 10.42 12.97
N MET A 45 -4.94 11.29 13.47
CA MET A 45 -5.56 12.34 12.69
C MET A 45 -4.40 13.31 12.51
N GLU A 46 -4.13 13.73 11.24
CA GLU A 46 -3.01 14.57 10.88
C GLU A 46 -3.42 15.98 10.46
N PRO A 47 -2.56 17.01 10.73
CA PRO A 47 -2.89 18.36 10.28
C PRO A 47 -2.69 18.48 8.75
N ARG A 48 -3.55 19.27 8.05
CA ARG A 48 -3.44 19.50 6.59
C ARG A 48 -3.54 20.97 6.23
N ALA A 49 -3.64 21.85 7.24
CA ALA A 49 -3.69 23.31 7.10
C ALA A 49 -2.78 23.85 8.19
N PRO A 50 -2.00 24.93 7.94
CA PRO A 50 -1.07 25.40 9.01
C PRO A 50 -1.75 25.81 10.33
N TRP A 51 -2.92 26.47 10.24
CA TRP A 51 -3.66 26.99 11.38
C TRP A 51 -4.29 25.94 12.30
N ILE A 52 -4.30 24.64 11.90
CA ILE A 52 -4.89 23.62 12.78
C ILE A 52 -3.82 23.07 13.77
N GLU A 53 -2.54 23.36 13.48
CA GLU A 53 -1.40 22.97 14.30
C GLU A 53 -1.36 23.72 15.64
N GLN A 54 -2.15 24.82 15.79
CA GLN A 54 -2.20 25.56 17.05
C GLN A 54 -3.17 24.91 18.06
N GLU A 55 -3.81 23.81 17.68
CA GLU A 55 -4.65 23.02 18.58
C GLU A 55 -3.65 22.27 19.44
N GLY A 56 -3.94 22.18 20.75
CA GLY A 56 -3.09 21.50 21.73
C GLY A 56 -3.00 20.00 21.57
N PRO A 57 -2.14 19.33 22.41
CA PRO A 57 -2.02 17.85 22.30
C PRO A 57 -3.29 17.03 22.59
N GLU A 58 -4.18 17.54 23.45
CA GLU A 58 -5.44 16.85 23.82
C GLU A 58 -6.44 16.79 22.64
N TYR A 59 -6.42 17.78 21.74
CA TYR A 59 -7.24 17.81 20.53
C TYR A 59 -6.84 16.63 19.64
N TRP A 60 -5.51 16.41 19.40
CA TRP A 60 -5.05 15.34 18.52
C TRP A 60 -5.37 13.97 19.09
N ASP A 61 -5.30 13.80 20.43
CA ASP A 61 -5.66 12.56 21.09
C ASP A 61 -7.15 12.29 20.97
N GLU A 62 -7.99 13.29 21.29
CA GLU A 62 -9.45 13.19 21.24
C GLU A 62 -9.94 12.89 19.82
N GLU A 63 -9.48 13.68 18.82
CA GLU A 63 -9.86 13.56 17.40
C GLU A 63 -9.41 12.26 16.81
N THR A 64 -8.20 11.77 17.20
CA THR A 64 -7.71 10.45 16.76
C THR A 64 -8.67 9.38 17.30
N GLY A 65 -9.05 9.52 18.57
CA GLY A 65 -9.98 8.59 19.21
C GLY A 65 -11.30 8.50 18.46
N LYS A 66 -11.87 9.66 18.13
CA LYS A 66 -13.09 9.77 17.37
C LYS A 66 -13.02 9.13 15.97
N VAL A 67 -12.00 9.53 15.16
CA VAL A 67 -11.87 9.04 13.79
C VAL A 67 -11.60 7.51 13.73
N LYS A 68 -10.85 6.97 14.72
CA LYS A 68 -10.60 5.53 14.83
C LYS A 68 -11.94 4.81 15.15
N ALA A 69 -12.77 5.37 16.07
CA ALA A 69 -14.09 4.78 16.43
C ALA A 69 -15.00 4.74 15.20
N HIS A 70 -15.04 5.84 14.40
CA HIS A 70 -15.82 5.90 13.17
C HIS A 70 -15.30 4.84 12.19
N SER A 71 -13.96 4.68 12.10
CA SER A 71 -13.33 3.66 11.25
C SER A 71 -13.91 2.26 11.60
N GLN A 72 -13.99 1.91 12.91
CA GLN A 72 -14.57 0.64 13.39
C GLN A 72 -16.06 0.49 13.11
N THR A 73 -16.83 1.58 13.34
CA THR A 73 -18.27 1.64 13.06
C THR A 73 -18.56 1.36 11.60
N ASP A 74 -17.82 2.01 10.67
CA ASP A 74 -18.08 1.87 9.24
C ASP A 74 -17.57 0.53 8.68
N ARG A 75 -16.63 -0.13 9.35
CA ARG A 75 -16.22 -1.48 8.98
C ARG A 75 -17.40 -2.44 9.25
N GLU A 76 -18.06 -2.31 10.42
CA GLU A 76 -19.24 -3.07 10.79
C GLU A 76 -20.39 -2.80 9.87
N ASN A 77 -20.59 -1.53 9.52
CA ASN A 77 -21.67 -1.11 8.65
C ASN A 77 -21.53 -1.69 7.25
N LEU A 78 -20.28 -1.95 6.80
CA LEU A 78 -19.98 -2.58 5.53
C LEU A 78 -20.49 -4.04 5.55
N ARG A 79 -20.35 -4.71 6.71
CA ARG A 79 -20.84 -6.08 6.94
C ARG A 79 -22.37 -6.13 7.03
N ILE A 80 -22.97 -5.19 7.78
CA ILE A 80 -24.44 -5.08 7.90
C ILE A 80 -25.06 -4.85 6.51
N ALA A 81 -24.46 -3.97 5.69
CA ALA A 81 -24.92 -3.66 4.33
C ALA A 81 -24.95 -4.86 3.38
N LEU A 82 -23.92 -5.74 3.41
CA LEU A 82 -23.86 -6.96 2.60
C LEU A 82 -25.10 -7.82 2.86
N ARG A 83 -25.39 -8.05 4.16
CA ARG A 83 -26.51 -8.82 4.67
C ARG A 83 -27.85 -8.22 4.18
N TYR A 84 -28.06 -6.90 4.30
CA TYR A 84 -29.27 -6.17 3.88
C TYR A 84 -29.58 -6.26 2.37
N TYR A 85 -28.54 -6.23 1.52
CA TYR A 85 -28.67 -6.30 0.06
C TYR A 85 -28.38 -7.70 -0.49
N ASN A 86 -28.12 -8.68 0.42
CA ASN A 86 -27.79 -10.07 0.11
C ASN A 86 -26.67 -10.13 -0.94
N GLN A 87 -25.54 -9.49 -0.61
CA GLN A 87 -24.37 -9.43 -1.49
C GLN A 87 -23.28 -10.39 -1.09
N SER A 88 -22.50 -10.82 -2.09
CA SER A 88 -21.38 -11.73 -1.93
C SER A 88 -20.28 -11.04 -1.13
N GLU A 89 -19.61 -11.81 -0.27
CA GLU A 89 -18.49 -11.41 0.59
C GLU A 89 -17.19 -11.20 -0.21
N ALA A 90 -17.16 -11.62 -1.49
CA ALA A 90 -15.99 -11.53 -2.35
C ALA A 90 -15.83 -10.16 -3.08
N GLY A 91 -16.93 -9.45 -3.31
CA GLY A 91 -16.92 -8.17 -4.00
C GLY A 91 -16.48 -6.98 -3.15
N SER A 92 -15.96 -5.94 -3.84
CA SER A 92 -15.52 -4.67 -3.23
C SER A 92 -16.69 -3.71 -3.08
N HIS A 93 -16.94 -3.23 -1.84
CA HIS A 93 -18.04 -2.28 -1.59
C HIS A 93 -17.56 -0.98 -0.94
N THR A 94 -18.32 0.11 -1.11
CA THR A 94 -17.98 1.43 -0.62
C THR A 94 -19.05 2.00 0.30
N LEU A 95 -18.62 2.51 1.48
CA LEU A 95 -19.50 3.21 2.41
C LEU A 95 -18.99 4.64 2.65
N GLN A 96 -19.76 5.63 2.25
CA GLN A 96 -19.30 6.99 2.39
C GLN A 96 -20.18 7.72 3.39
N MET A 97 -19.57 8.68 4.09
CA MET A 97 -20.29 9.48 5.06
C MET A 97 -19.91 10.93 4.96
N MET A 98 -20.87 11.80 5.25
CA MET A 98 -20.60 13.21 5.29
C MET A 98 -21.39 13.70 6.50
N PHE A 99 -20.81 14.63 7.25
CA PHE A 99 -21.45 15.31 8.35
C PHE A 99 -20.82 16.66 8.51
N GLY A 100 -21.60 17.61 9.03
CA GLY A 100 -21.11 18.95 9.28
C GLY A 100 -22.22 19.97 9.38
N CYS A 101 -21.81 21.21 9.57
CA CYS A 101 -22.72 22.32 9.80
C CYS A 101 -22.38 23.56 8.96
N ASP A 102 -23.37 24.46 8.89
CA ASP A 102 -23.37 25.76 8.22
C ASP A 102 -23.66 26.83 9.29
N VAL A 103 -22.87 27.92 9.31
CA VAL A 103 -23.02 29.05 10.24
C VAL A 103 -23.17 30.37 9.46
N GLY A 104 -23.80 31.36 10.08
CA GLY A 104 -23.97 32.68 9.46
C GLY A 104 -22.74 33.55 9.67
N SER A 105 -22.82 34.85 9.28
CA SER A 105 -21.70 35.80 9.45
C SER A 105 -21.37 36.07 10.92
N ASP A 106 -22.39 35.89 11.79
CA ASP A 106 -22.38 36.00 13.26
C ASP A 106 -21.85 34.74 13.98
N GLY A 107 -21.49 33.71 13.22
CA GLY A 107 -20.99 32.45 13.76
C GLY A 107 -22.05 31.60 14.44
N ARG A 108 -23.33 31.77 14.01
CA ARG A 108 -24.49 31.08 14.54
C ARG A 108 -25.04 30.02 13.57
N PHE A 109 -25.51 28.87 14.11
CA PHE A 109 -26.09 27.72 13.40
C PHE A 109 -27.19 28.07 12.39
N LEU A 110 -27.04 27.54 11.16
CA LEU A 110 -27.91 27.68 10.01
C LEU A 110 -28.48 26.32 9.56
N ARG A 111 -27.62 25.30 9.34
CA ARG A 111 -28.02 23.95 8.90
C ARG A 111 -27.02 22.88 9.35
N GLY A 112 -27.51 21.65 9.47
CA GLY A 112 -26.75 20.46 9.88
C GLY A 112 -26.97 19.32 8.91
N TYR A 113 -25.94 18.47 8.75
CA TYR A 113 -25.90 17.31 7.84
C TYR A 113 -25.27 16.13 8.53
N HIS A 114 -25.73 14.92 8.19
CA HIS A 114 -25.27 13.65 8.69
C HIS A 114 -25.90 12.64 7.74
N GLN A 115 -25.09 12.10 6.79
CA GLN A 115 -25.63 11.22 5.75
C GLN A 115 -24.66 10.21 5.24
N TYR A 116 -25.21 9.09 4.76
CA TYR A 116 -24.51 7.95 4.20
C TYR A 116 -24.86 7.72 2.75
N ALA A 117 -23.96 7.03 2.04
CA ALA A 117 -24.14 6.54 0.67
C ALA A 117 -23.46 5.22 0.62
N TYR A 118 -24.16 4.26 0.03
CA TYR A 118 -23.63 2.92 -0.13
C TYR A 118 -23.46 2.70 -1.64
N ASP A 119 -22.26 2.28 -2.06
CA ASP A 119 -21.88 2.08 -3.47
C ASP A 119 -22.24 3.29 -4.38
N GLY A 120 -21.97 4.48 -3.86
CA GLY A 120 -22.19 5.76 -4.53
C GLY A 120 -23.60 6.26 -4.65
N LYS A 121 -24.55 5.62 -3.92
CA LYS A 121 -25.98 5.94 -3.95
C LYS A 121 -26.50 6.28 -2.54
N ASP A 122 -27.29 7.37 -2.42
CA ASP A 122 -27.95 7.83 -1.18
C ASP A 122 -28.48 6.67 -0.37
N TYR A 123 -28.03 6.51 0.88
CA TYR A 123 -28.51 5.49 1.78
C TYR A 123 -29.51 6.12 2.80
N ILE A 124 -29.00 6.88 3.79
CA ILE A 124 -29.82 7.56 4.80
C ILE A 124 -29.25 8.94 5.07
N ALA A 125 -30.12 9.92 5.19
CA ALA A 125 -29.72 11.31 5.43
C ALA A 125 -30.57 11.90 6.54
N LEU A 126 -29.95 12.72 7.41
CA LEU A 126 -30.68 13.43 8.44
C LEU A 126 -31.42 14.60 7.77
N LYS A 127 -32.73 14.75 8.03
CA LYS A 127 -33.49 15.86 7.42
C LYS A 127 -33.11 17.17 8.07
N GLU A 128 -33.43 18.29 7.44
CA GLU A 128 -33.13 19.66 7.90
C GLU A 128 -33.59 19.95 9.36
N ASP A 129 -34.74 19.36 9.80
CA ASP A 129 -35.25 19.54 11.18
C ASP A 129 -34.38 18.85 12.25
N LEU A 130 -33.43 17.99 11.85
CA LEU A 130 -32.51 17.25 12.72
C LEU A 130 -33.22 16.26 13.68
N ARG A 131 -34.43 15.79 13.30
CA ARG A 131 -35.28 14.90 14.11
C ARG A 131 -35.73 13.68 13.33
N SER A 132 -35.68 13.76 12.01
CA SER A 132 -36.12 12.69 11.10
C SER A 132 -35.07 12.29 10.05
N TRP A 133 -35.23 11.07 9.49
CA TRP A 133 -34.35 10.49 8.47
C TRP A 133 -35.01 10.37 7.07
N THR A 134 -34.24 10.66 5.99
CA THR A 134 -34.64 10.42 4.58
C THR A 134 -33.92 9.12 4.23
N ALA A 135 -34.66 8.00 4.23
CA ALA A 135 -34.11 6.70 3.84
C ALA A 135 -34.49 6.55 2.37
N ALA A 136 -33.49 6.24 1.51
CA ALA A 136 -33.62 6.18 0.05
C ALA A 136 -34.26 4.91 -0.50
N ASP A 137 -33.89 3.75 0.03
CA ASP A 137 -34.38 2.46 -0.42
C ASP A 137 -34.99 1.66 0.76
N MET A 138 -35.21 0.33 0.56
CA MET A 138 -35.77 -0.59 1.54
C MET A 138 -34.80 -0.92 2.67
N ALA A 139 -33.50 -1.08 2.35
CA ALA A 139 -32.45 -1.41 3.34
C ALA A 139 -32.27 -0.26 4.33
N ALA A 140 -32.27 0.98 3.81
CA ALA A 140 -32.12 2.22 4.58
C ALA A 140 -33.32 2.45 5.49
N GLN A 141 -34.49 1.91 5.08
CA GLN A 141 -35.76 1.97 5.78
C GLN A 141 -35.71 1.18 7.08
N ILE A 142 -34.93 0.06 7.10
CA ILE A 142 -34.68 -0.79 8.26
C ILE A 142 -33.86 0.02 9.31
N THR A 143 -32.76 0.67 8.86
CA THR A 143 -31.90 1.53 9.68
C THR A 143 -32.74 2.66 10.25
N LYS A 144 -33.60 3.28 9.39
CA LYS A 144 -34.46 4.39 9.76
C LYS A 144 -35.34 4.02 10.96
N ARG A 145 -36.00 2.84 10.91
CA ARG A 145 -36.88 2.35 11.98
C ARG A 145 -36.05 2.14 13.28
N LYS A 146 -34.86 1.54 13.14
CA LYS A 146 -33.93 1.29 14.23
C LYS A 146 -33.48 2.63 14.91
N TRP A 147 -33.11 3.64 14.10
CA TRP A 147 -32.60 4.92 14.59
C TRP A 147 -33.66 5.83 15.17
N GLU A 148 -34.88 5.70 14.66
CA GLU A 148 -36.01 6.51 15.14
C GLU A 148 -36.49 6.02 16.52
N ALA A 149 -36.55 4.69 16.68
CA ALA A 149 -36.95 3.99 17.91
C ALA A 149 -35.97 4.28 19.04
N ALA A 150 -34.65 4.30 18.73
CA ALA A 150 -33.58 4.57 19.68
C ALA A 150 -33.26 6.06 19.84
N HIS A 151 -34.03 6.95 19.18
CA HIS A 151 -33.91 8.43 19.23
C HIS A 151 -32.48 8.96 18.95
N VAL A 152 -31.76 8.29 18.03
CA VAL A 152 -30.36 8.56 17.68
C VAL A 152 -30.16 9.99 17.17
N ALA A 153 -31.12 10.56 16.41
CA ALA A 153 -31.01 11.92 15.85
C ALA A 153 -30.73 13.02 16.87
N GLU A 154 -31.18 12.88 18.15
CA GLU A 154 -30.93 13.83 19.25
C GLU A 154 -29.40 13.98 19.49
N GLN A 155 -28.65 12.88 19.36
CA GLN A 155 -27.20 12.88 19.46
C GLN A 155 -26.56 13.64 18.30
N GLN A 156 -27.11 13.49 17.09
CA GLN A 156 -26.68 14.21 15.90
C GLN A 156 -27.01 15.68 16.07
N ARG A 157 -28.25 15.97 16.54
CA ARG A 157 -28.71 17.33 16.74
C ARG A 157 -27.83 18.03 17.77
N ALA A 158 -27.55 17.38 18.90
CA ALA A 158 -26.68 17.98 19.95
C ALA A 158 -25.27 18.27 19.38
N TYR A 159 -24.71 17.37 18.54
CA TYR A 159 -23.41 17.62 17.88
C TYR A 159 -23.47 18.80 16.90
N LEU A 160 -24.34 18.70 15.89
CA LEU A 160 -24.48 19.68 14.80
C LEU A 160 -24.71 21.11 15.26
N GLU A 161 -25.55 21.29 16.32
CA GLU A 161 -25.87 22.62 16.85
C GLU A 161 -24.88 23.11 17.90
N GLY A 162 -24.12 22.18 18.50
CA GLY A 162 -23.19 22.49 19.58
C GLY A 162 -21.74 22.41 19.18
N THR A 163 -21.17 21.22 19.37
CA THR A 163 -19.78 20.86 19.10
C THR A 163 -19.30 21.26 17.67
N CYS A 164 -20.14 21.02 16.65
CA CYS A 164 -19.84 21.37 15.29
C CYS A 164 -19.66 22.88 15.15
N VAL A 165 -20.67 23.66 15.59
CA VAL A 165 -20.66 25.13 15.53
C VAL A 165 -19.48 25.72 16.32
N ASP A 166 -19.18 25.19 17.55
CA ASP A 166 -18.07 25.70 18.39
C ASP A 166 -16.72 25.50 17.73
N GLY A 167 -16.53 24.34 17.09
CA GLY A 167 -15.32 23.98 16.38
C GLY A 167 -15.16 24.88 15.17
N LEU A 168 -16.22 24.98 14.34
CA LEU A 168 -16.21 25.84 13.15
C LEU A 168 -15.84 27.28 13.53
N ARG A 169 -16.49 27.85 14.58
CA ARG A 169 -16.23 29.19 15.12
C ARG A 169 -14.75 29.38 15.50
N ARG A 170 -14.20 28.44 16.28
CA ARG A 170 -12.82 28.47 16.75
C ARG A 170 -11.84 28.41 15.56
N TYR A 171 -12.15 27.60 14.51
CA TYR A 171 -11.32 27.43 13.31
C TYR A 171 -11.28 28.73 12.49
N LEU A 172 -12.43 29.35 12.26
CA LEU A 172 -12.55 30.62 11.54
C LEU A 172 -11.66 31.71 12.19
N GLU A 173 -11.65 31.78 13.54
CA GLU A 173 -10.80 32.71 14.27
C GLU A 173 -9.33 32.36 14.17
N ASN A 174 -8.97 31.09 14.49
CA ASN A 174 -7.57 30.65 14.46
C ASN A 174 -6.93 30.76 13.05
N GLY A 175 -7.71 30.47 12.00
CA GLY A 175 -7.22 30.55 10.63
C GLY A 175 -7.79 31.71 9.85
N LYS A 176 -8.10 32.83 10.54
CA LYS A 176 -8.69 34.08 10.01
C LYS A 176 -7.99 34.55 8.72
N GLU A 177 -6.64 34.65 8.77
CA GLU A 177 -5.76 35.05 7.66
C GLU A 177 -6.06 34.29 6.35
N THR A 178 -6.38 33.00 6.46
CA THR A 178 -6.67 32.07 5.37
C THR A 178 -8.16 31.97 5.02
N LEU A 179 -8.97 31.57 6.01
CA LEU A 179 -10.38 31.26 5.85
C LEU A 179 -11.31 32.44 5.65
N GLN A 180 -10.94 33.62 6.19
CA GLN A 180 -11.84 34.76 6.09
C GLN A 180 -11.42 35.73 4.99
N ARG A 181 -10.46 35.30 4.17
CA ARG A 181 -9.97 36.08 3.06
C ARG A 181 -10.88 35.89 1.87
N THR A 182 -10.87 36.85 0.95
CA THR A 182 -11.49 36.70 -0.36
C THR A 182 -10.43 37.06 -1.38
N ASP A 183 -10.08 36.07 -2.21
CA ASP A 183 -9.18 36.24 -3.34
C ASP A 183 -10.08 36.41 -4.57
N PRO A 184 -10.27 37.66 -5.08
CA PRO A 184 -11.12 37.83 -6.27
C PRO A 184 -10.47 37.12 -7.49
N PRO A 185 -11.22 36.71 -8.53
CA PRO A 185 -10.55 36.10 -9.68
C PRO A 185 -9.76 37.16 -10.48
N LYS A 186 -8.65 36.72 -11.09
CA LYS A 186 -7.82 37.47 -12.04
C LYS A 186 -8.43 37.03 -13.38
N THR A 187 -9.08 37.93 -14.13
CA THR A 187 -9.77 37.53 -15.36
C THR A 187 -9.13 38.00 -16.65
N HIS A 188 -9.36 37.24 -17.72
CA HIS A 188 -8.87 37.59 -19.04
C HIS A 188 -9.61 36.80 -20.09
N MET A 189 -9.58 37.31 -21.32
CA MET A 189 -10.21 36.65 -22.44
C MET A 189 -9.18 36.35 -23.49
N THR A 190 -9.27 35.16 -24.10
CA THR A 190 -8.40 34.73 -25.19
C THR A 190 -9.28 34.43 -26.42
N HIS A 191 -8.67 34.51 -27.61
CA HIS A 191 -9.33 34.27 -28.90
C HIS A 191 -8.63 33.13 -29.64
N HIS A 192 -9.40 32.18 -30.18
CA HIS A 192 -8.86 31.02 -30.87
C HIS A 192 -9.67 30.74 -32.16
N PRO A 193 -9.17 31.15 -33.35
CA PRO A 193 -9.92 30.88 -34.59
C PRO A 193 -10.05 29.39 -34.88
N ILE A 194 -11.22 28.98 -35.37
CA ILE A 194 -11.52 27.61 -35.74
C ILE A 194 -11.28 27.54 -37.25
N SER A 195 -12.15 28.22 -38.02
CA SER A 195 -12.14 28.36 -39.47
C SER A 195 -12.08 29.86 -39.80
N ASP A 196 -12.31 30.21 -41.09
CA ASP A 196 -12.33 31.60 -41.52
C ASP A 196 -13.64 32.24 -41.03
N HIS A 197 -14.65 31.39 -40.73
CA HIS A 197 -16.01 31.75 -40.32
C HIS A 197 -16.27 31.68 -38.81
N GLU A 198 -15.52 30.86 -38.06
CA GLU A 198 -15.73 30.70 -36.62
C GLU A 198 -14.49 30.90 -35.78
N ALA A 199 -14.70 31.35 -34.52
CA ALA A 199 -13.64 31.49 -33.52
C ALA A 199 -14.20 31.14 -32.13
N THR A 200 -13.31 30.73 -31.21
CA THR A 200 -13.68 30.42 -29.83
C THR A 200 -13.20 31.58 -28.99
N LEU A 201 -14.07 32.04 -28.08
CA LEU A 201 -13.71 33.06 -27.08
C LEU A 201 -13.70 32.32 -25.76
N ARG A 202 -12.62 32.46 -24.98
CA ARG A 202 -12.47 31.76 -23.72
C ARG A 202 -12.23 32.78 -22.67
N CYS A 203 -13.15 32.85 -21.72
CA CYS A 203 -13.14 33.74 -20.58
C CYS A 203 -12.57 32.93 -19.41
N TRP A 204 -11.45 33.42 -18.85
CA TRP A 204 -10.71 32.80 -17.73
C TRP A 204 -10.92 33.50 -16.41
N ALA A 205 -10.99 32.73 -15.32
CA ALA A 205 -11.04 33.23 -13.94
C ALA A 205 -10.00 32.42 -13.17
N LEU A 206 -8.98 33.10 -12.62
CA LEU A 206 -7.87 32.40 -11.96
C LEU A 206 -7.55 32.98 -10.63
N GLY A 207 -6.98 32.17 -9.74
CA GLY A 207 -6.50 32.59 -8.42
C GLY A 207 -7.56 33.02 -7.43
N PHE A 208 -8.79 32.47 -7.56
CA PHE A 208 -9.89 32.87 -6.69
C PHE A 208 -10.17 31.92 -5.53
N TYR A 209 -10.66 32.50 -4.44
CA TYR A 209 -11.08 31.82 -3.22
C TYR A 209 -12.20 32.64 -2.58
N PRO A 210 -13.34 32.02 -2.17
CA PRO A 210 -13.67 30.58 -2.25
C PRO A 210 -13.93 30.12 -3.68
N ALA A 211 -14.20 28.81 -3.84
CA ALA A 211 -14.43 28.13 -5.11
C ALA A 211 -15.65 28.56 -5.84
N GLU A 212 -16.70 28.99 -5.14
CA GLU A 212 -17.96 29.42 -5.80
C GLU A 212 -17.74 30.63 -6.70
N ILE A 213 -18.19 30.50 -7.94
CA ILE A 213 -18.07 31.51 -8.98
C ILE A 213 -19.13 31.20 -10.03
N THR A 214 -19.53 32.24 -10.78
CA THR A 214 -20.45 32.07 -11.90
C THR A 214 -19.85 32.82 -13.10
N LEU A 215 -19.74 32.11 -14.23
CA LEU A 215 -19.30 32.70 -15.50
C LEU A 215 -20.45 32.58 -16.47
N THR A 216 -20.82 33.68 -17.14
CA THR A 216 -21.95 33.69 -18.06
C THR A 216 -21.56 34.40 -19.33
N TRP A 217 -22.07 33.94 -20.48
CA TRP A 217 -21.89 34.61 -21.76
C TRP A 217 -23.17 35.29 -22.14
N GLN A 218 -23.05 36.46 -22.75
CA GLN A 218 -24.20 37.18 -23.29
C GLN A 218 -23.80 37.64 -24.69
N ARG A 219 -24.78 37.75 -25.60
CA ARG A 219 -24.59 38.31 -26.94
C ARG A 219 -25.58 39.50 -27.01
N ASP A 220 -25.06 40.71 -27.35
CA ASP A 220 -25.83 41.96 -27.39
C ASP A 220 -26.53 42.28 -26.07
N GLY A 221 -25.94 41.83 -24.96
CA GLY A 221 -26.48 42.04 -23.62
C GLY A 221 -27.63 41.12 -23.25
N GLU A 222 -27.86 40.07 -24.06
CA GLU A 222 -28.89 39.05 -23.86
C GLU A 222 -28.18 37.74 -23.54
N ASP A 223 -28.63 37.03 -22.47
CA ASP A 223 -28.04 35.77 -22.00
C ASP A 223 -27.93 34.71 -23.09
N GLN A 224 -26.75 34.04 -23.12
CA GLN A 224 -26.38 33.06 -24.13
C GLN A 224 -25.90 31.74 -23.52
N THR A 225 -26.67 30.66 -23.75
CA THR A 225 -26.39 29.30 -23.27
C THR A 225 -25.94 28.41 -24.44
N GLN A 226 -26.46 28.71 -25.64
CA GLN A 226 -26.16 27.98 -26.89
C GLN A 226 -24.72 28.22 -27.33
N ASP A 227 -24.06 27.16 -27.82
CA ASP A 227 -22.65 27.16 -28.27
C ASP A 227 -21.65 27.42 -27.13
N THR A 228 -22.08 27.25 -25.87
CA THR A 228 -21.27 27.48 -24.65
C THR A 228 -20.63 26.16 -24.14
N GLU A 229 -19.44 26.27 -23.51
CA GLU A 229 -18.67 25.19 -22.91
C GLU A 229 -18.13 25.71 -21.56
N LEU A 230 -18.44 25.01 -20.49
CA LEU A 230 -18.05 25.44 -19.15
C LEU A 230 -17.36 24.27 -18.44
N VAL A 231 -16.08 24.47 -18.04
CA VAL A 231 -15.36 23.42 -17.33
C VAL A 231 -15.66 23.50 -15.84
N GLU A 232 -15.52 22.36 -15.14
CA GLU A 232 -15.68 22.29 -13.71
C GLU A 232 -14.59 23.18 -13.05
N THR A 233 -14.96 23.86 -11.96
CA THR A 233 -14.00 24.64 -11.17
C THR A 233 -13.00 23.64 -10.68
N ARG A 234 -11.74 24.02 -10.74
CA ARG A 234 -10.67 23.10 -10.41
C ARG A 234 -9.70 23.77 -9.49
N PRO A 235 -9.00 23.00 -8.63
CA PRO A 235 -8.01 23.61 -7.74
C PRO A 235 -6.67 23.92 -8.42
N ALA A 236 -6.09 25.10 -8.10
CA ALA A 236 -4.77 25.46 -8.61
C ALA A 236 -3.64 24.65 -7.89
N GLY A 237 -3.93 24.20 -6.66
CA GLY A 237 -3.01 23.46 -5.80
C GLY A 237 -2.36 24.30 -4.71
N ASP A 238 -2.58 25.62 -4.77
CA ASP A 238 -2.06 26.58 -3.80
C ASP A 238 -3.14 27.14 -2.86
N GLY A 239 -4.32 26.51 -2.80
CA GLY A 239 -5.42 27.02 -1.99
C GLY A 239 -6.40 27.87 -2.78
N THR A 240 -6.08 28.20 -4.05
CA THR A 240 -6.96 28.99 -4.93
C THR A 240 -7.55 28.07 -6.02
N PHE A 241 -8.53 28.58 -6.79
CA PHE A 241 -9.29 27.85 -7.82
C PHE A 241 -9.26 28.52 -9.18
N GLN A 242 -9.64 27.77 -10.21
CA GLN A 242 -9.63 28.21 -11.60
C GLN A 242 -10.89 27.69 -12.27
N LYS A 243 -11.36 28.42 -13.27
CA LYS A 243 -12.48 28.05 -14.11
C LYS A 243 -12.40 28.90 -15.40
N TRP A 244 -12.98 28.35 -16.48
CA TRP A 244 -13.12 29.01 -17.76
C TRP A 244 -14.44 28.64 -18.39
N ALA A 245 -14.95 29.58 -19.21
CA ALA A 245 -16.19 29.51 -20.00
C ALA A 245 -15.80 29.91 -21.41
N ALA A 246 -16.28 29.17 -22.37
CA ALA A 246 -15.96 29.42 -23.75
C ALA A 246 -17.22 29.43 -24.57
N VAL A 247 -17.19 30.17 -25.68
CA VAL A 247 -18.29 30.29 -26.64
C VAL A 247 -17.71 30.29 -28.08
N VAL A 248 -18.35 29.53 -28.98
CA VAL A 248 -17.98 29.48 -30.39
C VAL A 248 -18.80 30.57 -31.10
N VAL A 249 -18.11 31.54 -31.73
CA VAL A 249 -18.73 32.72 -32.33
C VAL A 249 -18.44 32.86 -33.82
N PRO A 250 -19.32 33.54 -34.60
CA PRO A 250 -18.98 33.80 -36.00
C PRO A 250 -17.84 34.83 -36.05
N SER A 251 -16.95 34.75 -37.05
CA SER A 251 -15.83 35.67 -37.23
C SER A 251 -16.35 37.06 -37.52
N GLY A 252 -15.71 38.06 -36.92
CA GLY A 252 -16.12 39.45 -37.02
C GLY A 252 -17.20 39.85 -36.03
N GLU A 253 -17.82 38.88 -35.34
CA GLU A 253 -18.91 39.17 -34.40
C GLU A 253 -18.46 39.08 -32.93
N GLU A 254 -17.17 38.75 -32.71
CA GLU A 254 -16.55 38.55 -31.38
C GLU A 254 -16.94 39.58 -30.32
N GLN A 255 -16.90 40.88 -30.67
CA GLN A 255 -17.10 41.99 -29.73
C GLN A 255 -18.55 42.21 -29.28
N ARG A 256 -19.50 41.52 -29.93
CA ARG A 256 -20.92 41.56 -29.52
C ARG A 256 -21.10 40.73 -28.25
N TYR A 257 -20.16 39.80 -27.99
CA TYR A 257 -20.18 38.92 -26.83
C TYR A 257 -19.49 39.48 -25.61
N THR A 258 -20.06 39.19 -24.44
CA THR A 258 -19.52 39.61 -23.16
C THR A 258 -19.53 38.45 -22.17
N CYS A 259 -18.49 38.39 -21.33
CA CYS A 259 -18.38 37.40 -20.29
C CYS A 259 -18.63 38.09 -18.97
N HIS A 260 -19.50 37.50 -18.15
CA HIS A 260 -19.89 38.07 -16.87
C HIS A 260 -19.42 37.18 -15.73
N VAL A 261 -18.60 37.76 -14.86
CA VAL A 261 -17.92 37.03 -13.78
C VAL A 261 -18.44 37.48 -12.42
N GLN A 262 -19.11 36.56 -11.70
CA GLN A 262 -19.67 36.77 -10.35
C GLN A 262 -18.85 36.03 -9.29
N HIS A 263 -18.23 36.78 -8.38
CA HIS A 263 -17.47 36.20 -7.30
C HIS A 263 -17.58 37.10 -6.12
N GLU A 264 -17.68 36.50 -4.91
CA GLU A 264 -17.83 37.27 -3.67
C GLU A 264 -16.60 38.09 -3.29
N GLY A 265 -15.46 37.87 -3.94
CA GLY A 265 -14.26 38.66 -3.74
C GLY A 265 -14.29 39.93 -4.56
N LEU A 266 -15.28 40.03 -5.49
CA LEU A 266 -15.48 41.19 -6.38
C LEU A 266 -16.45 42.24 -5.81
N PRO A 267 -16.08 43.54 -5.84
CA PRO A 267 -17.03 44.58 -5.34
C PRO A 267 -18.28 44.67 -6.23
N LYS A 268 -18.10 44.32 -7.51
CA LYS A 268 -19.14 44.33 -8.52
C LYS A 268 -18.84 43.19 -9.48
N PRO A 269 -19.82 42.62 -10.18
CA PRO A 269 -19.48 41.63 -11.20
C PRO A 269 -18.71 42.30 -12.34
N LEU A 270 -17.73 41.58 -12.92
CA LEU A 270 -16.93 42.03 -14.05
C LEU A 270 -17.57 41.62 -15.34
N THR A 271 -17.51 42.46 -16.36
CA THR A 271 -17.99 42.24 -17.73
C THR A 271 -16.74 42.31 -18.59
N LEU A 272 -16.52 41.30 -19.43
CA LEU A 272 -15.33 41.25 -20.29
C LEU A 272 -15.80 41.21 -21.70
N ARG A 273 -15.13 41.98 -22.55
N ARG A 273 -15.12 41.97 -22.55
CA ARG A 273 -15.37 42.04 -23.99
CA ARG A 273 -15.37 42.04 -23.99
C ARG A 273 -14.03 41.88 -24.68
C ARG A 273 -14.04 41.89 -24.68
N TRP A 274 -14.00 41.09 -25.77
CA TRP A 274 -12.80 40.89 -26.57
C TRP A 274 -12.37 42.26 -27.13
N GLU A 275 -11.11 42.60 -26.90
CA GLU A 275 -10.49 43.87 -27.30
C GLU A 275 -9.16 43.54 -27.98
N PRO A 276 -9.13 43.32 -29.31
CA PRO A 276 -7.86 42.98 -29.99
C PRO A 276 -6.77 44.06 -29.91
N ILE B 2 -23.84 0.77 -10.66
CA ILE B 2 -23.70 2.21 -10.40
C ILE B 2 -22.19 2.61 -10.39
N GLN B 3 -21.64 2.86 -11.60
CA GLN B 3 -20.24 3.22 -11.84
C GLN B 3 -20.14 4.44 -12.73
N ARG B 4 -19.40 5.47 -12.29
CA ARG B 4 -19.25 6.73 -13.02
C ARG B 4 -17.80 6.90 -13.52
N THR B 5 -17.65 7.36 -14.78
CA THR B 5 -16.33 7.51 -15.41
C THR B 5 -15.69 8.85 -14.99
N PRO B 6 -14.33 8.91 -14.81
CA PRO B 6 -13.73 10.19 -14.40
C PRO B 6 -13.72 11.26 -15.48
N LYS B 7 -13.95 12.51 -15.08
CA LYS B 7 -13.77 13.67 -15.93
C LYS B 7 -12.28 13.97 -15.68
N ILE B 8 -11.55 14.52 -16.69
CA ILE B 8 -10.11 14.80 -16.55
C ILE B 8 -9.74 16.20 -17.01
N GLN B 9 -8.93 16.92 -16.24
CA GLN B 9 -8.42 18.21 -16.65
C GLN B 9 -6.93 18.23 -16.35
N VAL B 10 -6.11 18.57 -17.34
CA VAL B 10 -4.65 18.69 -17.22
C VAL B 10 -4.39 20.16 -17.47
N TYR B 11 -3.66 20.81 -16.57
CA TYR B 11 -3.45 22.26 -16.64
C TYR B 11 -2.31 22.63 -15.69
N SER B 12 -1.81 23.86 -15.78
CA SER B 12 -0.75 24.36 -14.92
C SER B 12 -1.35 25.27 -13.85
N ARG B 13 -0.66 25.40 -12.70
CA ARG B 13 -1.13 26.19 -11.56
C ARG B 13 -1.18 27.66 -11.94
N HIS B 14 -0.12 28.13 -12.64
CA HIS B 14 0.13 29.50 -13.07
C HIS B 14 0.22 29.57 -14.61
N PRO B 15 -0.02 30.75 -15.27
CA PRO B 15 0.17 30.81 -16.72
C PRO B 15 1.60 30.39 -17.09
N ALA B 16 1.68 29.41 -18.00
CA ALA B 16 2.93 28.80 -18.46
C ALA B 16 3.80 29.77 -19.19
N GLU B 17 5.07 29.82 -18.78
CA GLU B 17 6.16 30.62 -19.33
C GLU B 17 7.29 29.62 -19.52
N ASN B 18 7.84 29.48 -20.75
CA ASN B 18 8.94 28.54 -20.99
C ASN B 18 10.21 28.93 -20.21
N GLY B 19 10.72 27.99 -19.42
CA GLY B 19 11.91 28.19 -18.61
C GLY B 19 11.66 28.64 -17.19
N LYS B 20 10.38 28.67 -16.77
CA LYS B 20 10.02 29.07 -15.41
C LYS B 20 9.32 27.91 -14.67
N SER B 21 9.70 27.68 -13.40
CA SER B 21 9.10 26.63 -12.57
C SER B 21 7.61 26.94 -12.36
N ASN B 22 6.81 25.87 -12.44
CA ASN B 22 5.37 25.87 -12.33
C ASN B 22 4.95 24.52 -11.74
N PHE B 23 3.64 24.24 -11.76
CA PHE B 23 3.10 22.97 -11.29
C PHE B 23 2.19 22.44 -12.37
N LEU B 24 2.38 21.19 -12.72
CA LEU B 24 1.53 20.52 -13.69
C LEU B 24 0.48 19.74 -12.86
N ASN B 25 -0.83 19.97 -13.13
CA ASN B 25 -1.93 19.35 -12.37
C ASN B 25 -2.78 18.42 -13.23
N CYS B 26 -3.25 17.33 -12.64
CA CYS B 26 -4.26 16.45 -13.23
C CYS B 26 -5.37 16.30 -12.22
N TYR B 27 -6.53 16.87 -12.58
CA TYR B 27 -7.73 16.85 -11.79
C TYR B 27 -8.71 15.84 -12.31
N VAL B 28 -8.93 14.79 -11.53
CA VAL B 28 -9.90 13.73 -11.87
C VAL B 28 -11.05 13.87 -10.91
N SER B 29 -12.27 13.85 -11.43
CA SER B 29 -13.46 14.07 -10.60
C SER B 29 -14.63 13.31 -11.16
N GLY B 30 -15.75 13.33 -10.42
CA GLY B 30 -17.00 12.71 -10.81
C GLY B 30 -16.97 11.21 -11.04
N PHE B 31 -15.98 10.51 -10.44
CA PHE B 31 -15.84 9.07 -10.62
C PHE B 31 -16.30 8.24 -9.40
N HIS B 32 -16.62 6.97 -9.68
CA HIS B 32 -17.02 5.94 -8.72
C HIS B 32 -16.90 4.55 -9.39
N PRO B 33 -16.24 3.53 -8.78
CA PRO B 33 -15.61 3.49 -7.43
C PRO B 33 -14.35 4.36 -7.28
N SER B 34 -13.82 4.48 -6.04
CA SER B 34 -12.71 5.40 -5.76
C SER B 34 -11.34 4.95 -6.27
N ASP B 35 -11.13 3.64 -6.56
CA ASP B 35 -9.82 3.18 -7.07
C ASP B 35 -9.64 3.76 -8.45
N ILE B 36 -8.48 4.33 -8.70
CA ILE B 36 -8.15 4.99 -9.95
C ILE B 36 -6.64 4.99 -10.12
N GLU B 37 -6.13 4.98 -11.37
CA GLU B 37 -4.70 5.06 -11.68
C GLU B 37 -4.50 6.38 -12.42
N VAL B 38 -3.65 7.27 -11.89
CA VAL B 38 -3.37 8.56 -12.50
C VAL B 38 -1.87 8.83 -12.55
N ASP B 39 -1.32 8.99 -13.78
CA ASP B 39 0.09 9.35 -13.97
C ASP B 39 0.18 10.61 -14.76
N LEU B 40 1.24 11.36 -14.55
CA LEU B 40 1.59 12.57 -15.29
C LEU B 40 2.79 12.13 -16.12
N LEU B 41 2.70 12.31 -17.46
CA LEU B 41 3.72 11.94 -18.43
C LEU B 41 4.47 13.17 -18.99
N LYS B 42 5.78 13.02 -19.22
CA LYS B 42 6.65 14.01 -19.87
C LYS B 42 7.19 13.25 -21.09
N ASN B 43 6.84 13.70 -22.30
CA ASN B 43 7.20 13.10 -23.58
C ASN B 43 6.85 11.58 -23.66
N GLY B 44 5.70 11.23 -23.07
CA GLY B 44 5.20 9.85 -23.04
C GLY B 44 5.72 8.99 -21.90
N GLU B 45 6.67 9.52 -21.08
CA GLU B 45 7.27 8.82 -19.94
C GLU B 45 6.71 9.29 -18.58
N ARG B 46 6.33 8.34 -17.72
CA ARG B 46 5.82 8.57 -16.38
C ARG B 46 6.75 9.47 -15.56
N ILE B 47 6.20 10.56 -14.99
CA ILE B 47 6.94 11.45 -14.08
C ILE B 47 6.97 10.69 -12.74
N GLU B 48 8.15 10.64 -12.08
CA GLU B 48 8.32 9.85 -10.86
C GLU B 48 7.79 10.47 -9.60
N LYS B 49 8.12 11.73 -9.30
CA LYS B 49 7.65 12.30 -8.04
C LYS B 49 6.33 13.11 -8.20
N VAL B 50 5.20 12.36 -8.29
CA VAL B 50 3.87 12.93 -8.40
C VAL B 50 3.16 12.73 -7.05
N GLU B 51 2.63 13.83 -6.49
CA GLU B 51 1.89 13.82 -5.24
C GLU B 51 0.42 13.87 -5.59
N HIS B 52 -0.43 13.45 -4.65
CA HIS B 52 -1.86 13.57 -4.81
C HIS B 52 -2.52 14.08 -3.50
N SER B 53 -3.70 14.66 -3.66
CA SER B 53 -4.53 15.15 -2.60
C SER B 53 -5.22 13.97 -1.88
N ASP B 54 -5.76 14.20 -0.68
CA ASP B 54 -6.43 13.14 0.08
C ASP B 54 -7.79 12.88 -0.52
N LEU B 55 -8.16 11.60 -0.63
CA LEU B 55 -9.45 11.20 -1.21
C LEU B 55 -10.59 11.97 -0.59
N SER B 56 -11.37 12.65 -1.44
CA SER B 56 -12.53 13.43 -1.02
C SER B 56 -13.63 13.29 -2.04
N PHE B 57 -14.80 13.85 -1.76
CA PHE B 57 -15.92 13.74 -2.65
C PHE B 57 -16.87 14.93 -2.57
N SER B 58 -17.70 15.05 -3.64
CA SER B 58 -18.69 16.09 -3.88
C SER B 58 -20.02 15.68 -3.31
N LYS B 59 -21.02 16.60 -3.37
CA LYS B 59 -22.40 16.44 -2.89
C LYS B 59 -23.07 15.19 -3.46
N ASP B 60 -22.86 14.91 -4.75
CA ASP B 60 -23.45 13.75 -5.42
C ASP B 60 -22.72 12.45 -5.11
N TRP B 61 -21.76 12.49 -4.13
CA TRP B 61 -20.95 11.34 -3.66
C TRP B 61 -19.80 10.91 -4.61
N SER B 62 -19.66 11.58 -5.75
CA SER B 62 -18.60 11.25 -6.71
C SER B 62 -17.24 11.75 -6.19
N PHE B 63 -16.19 10.94 -6.38
CA PHE B 63 -14.85 11.24 -5.88
C PHE B 63 -14.10 12.20 -6.74
N TYR B 64 -13.12 12.92 -6.15
CA TYR B 64 -12.18 13.78 -6.86
C TYR B 64 -10.83 13.71 -6.21
N LEU B 65 -9.79 13.85 -7.07
CA LEU B 65 -8.40 13.87 -6.65
C LEU B 65 -7.63 14.87 -7.52
N LEU B 66 -6.64 15.50 -6.92
CA LEU B 66 -5.68 16.35 -7.62
C LEU B 66 -4.30 15.62 -7.56
N TYR B 67 -3.70 15.36 -8.74
CA TYR B 67 -2.35 14.80 -8.89
C TYR B 67 -1.50 15.95 -9.43
N TYR B 68 -0.35 16.21 -8.80
CA TYR B 68 0.44 17.36 -9.16
C TYR B 68 1.92 17.12 -9.05
N THR B 69 2.69 17.82 -9.88
CA THR B 69 4.15 17.78 -9.88
C THR B 69 4.70 19.14 -10.25
N GLU B 70 5.81 19.51 -9.62
CA GLU B 70 6.56 20.72 -9.90
C GLU B 70 7.23 20.42 -11.25
N PHE B 71 7.16 21.36 -12.19
CA PHE B 71 7.78 21.19 -13.51
C PHE B 71 8.21 22.53 -14.08
N THR B 72 9.04 22.50 -15.13
CA THR B 72 9.47 23.70 -15.84
C THR B 72 9.10 23.47 -17.30
N PRO B 73 8.01 24.10 -17.81
CA PRO B 73 7.66 23.90 -19.23
C PRO B 73 8.72 24.49 -20.18
N THR B 74 8.79 23.95 -21.40
CA THR B 74 9.67 24.37 -22.48
C THR B 74 8.83 24.30 -23.77
N GLU B 75 9.44 24.60 -24.92
CA GLU B 75 8.72 24.56 -26.20
C GLU B 75 8.65 23.09 -26.69
N LYS B 76 9.73 22.31 -26.50
CA LYS B 76 9.81 20.92 -26.95
C LYS B 76 8.92 19.95 -26.13
N ASP B 77 9.15 19.90 -24.80
CA ASP B 77 8.50 19.02 -23.82
C ASP B 77 6.95 19.00 -23.87
N GLU B 78 6.40 17.81 -24.15
CA GLU B 78 4.96 17.52 -24.22
C GLU B 78 4.53 16.82 -22.93
N TYR B 79 3.53 17.39 -22.24
CA TYR B 79 3.03 16.86 -20.99
C TYR B 79 1.63 16.32 -21.14
N ALA B 80 1.33 15.27 -20.40
CA ALA B 80 0.03 14.59 -20.47
C ALA B 80 -0.27 13.93 -19.15
N CYS B 81 -1.50 13.44 -19.00
CA CYS B 81 -1.96 12.72 -17.83
C CYS B 81 -2.59 11.43 -18.37
N ARG B 82 -2.25 10.28 -17.77
CA ARG B 82 -2.81 9.00 -18.19
C ARG B 82 -3.71 8.52 -17.03
N VAL B 83 -4.94 8.15 -17.36
CA VAL B 83 -5.90 7.75 -16.35
C VAL B 83 -6.48 6.39 -16.64
N ASN B 84 -6.51 5.53 -15.63
CA ASN B 84 -7.17 4.24 -15.76
C ASN B 84 -8.14 4.07 -14.62
N HIS B 85 -9.30 3.49 -14.94
CA HIS B 85 -10.40 3.28 -14.01
C HIS B 85 -11.21 2.08 -14.51
N VAL B 86 -11.97 1.40 -13.63
CA VAL B 86 -12.80 0.23 -13.93
C VAL B 86 -13.78 0.51 -15.10
N THR B 87 -14.23 1.77 -15.23
CA THR B 87 -15.15 2.24 -16.27
C THR B 87 -14.48 2.37 -17.66
N LEU B 88 -13.14 2.45 -17.68
CA LEU B 88 -12.37 2.58 -18.92
C LEU B 88 -11.86 1.23 -19.43
N SER B 89 -12.19 0.91 -20.69
CA SER B 89 -11.75 -0.28 -21.44
C SER B 89 -10.23 -0.28 -21.67
N GLN B 90 -9.60 0.93 -21.66
CA GLN B 90 -8.17 1.17 -21.79
C GLN B 90 -7.77 2.53 -21.12
N PRO B 91 -6.49 2.74 -20.71
CA PRO B 91 -6.12 4.04 -20.11
C PRO B 91 -6.37 5.21 -21.06
N LYS B 92 -7.00 6.30 -20.55
CA LYS B 92 -7.29 7.53 -21.29
C LYS B 92 -6.11 8.52 -21.14
N ILE B 93 -5.59 9.05 -22.26
CA ILE B 93 -4.49 10.03 -22.25
C ILE B 93 -5.06 11.37 -22.65
N VAL B 94 -4.78 12.37 -21.81
CA VAL B 94 -5.19 13.74 -22.03
C VAL B 94 -3.93 14.55 -22.07
N LYS B 95 -3.72 15.21 -23.21
CA LYS B 95 -2.57 16.05 -23.44
C LYS B 95 -2.74 17.39 -22.73
N TRP B 96 -1.63 17.95 -22.23
CA TRP B 96 -1.66 19.27 -21.62
C TRP B 96 -1.69 20.30 -22.76
N ASP B 97 -2.70 21.16 -22.72
CA ASP B 97 -2.89 22.26 -23.67
C ASP B 97 -2.85 23.51 -22.80
N ARG B 98 -1.80 24.33 -22.93
CA ARG B 98 -1.66 25.56 -22.12
C ARG B 98 -2.82 26.58 -22.30
N ASP B 99 -3.64 26.43 -23.33
CA ASP B 99 -4.78 27.31 -23.59
C ASP B 99 -6.09 26.72 -23.05
N MET B 100 -6.02 25.60 -22.28
CA MET B 100 -7.16 24.94 -21.68
C MET B 100 -6.99 24.59 -20.16
N THR C 1 -13.99 19.84 14.64
CA THR C 1 -14.18 18.91 15.76
C THR C 1 -15.06 17.78 15.25
N TYR C 2 -14.52 16.58 15.28
CA TYR C 2 -15.17 15.37 14.81
C TYR C 2 -16.37 14.94 15.70
N GLN C 3 -17.27 14.15 15.12
CA GLN C 3 -18.44 13.61 15.79
C GLN C 3 -18.16 12.18 16.24
N TRP C 4 -18.91 11.68 17.23
CA TRP C 4 -18.83 10.27 17.63
C TRP C 4 -19.78 9.49 16.70
N VAL C 5 -19.22 8.66 15.82
CA VAL C 5 -20.00 7.89 14.86
C VAL C 5 -19.95 6.49 15.38
N LEU C 6 -21.02 6.12 16.13
CA LEU C 6 -21.09 4.86 16.85
C LEU C 6 -22.26 3.95 16.49
N LYS C 7 -23.32 4.48 15.90
CA LYS C 7 -24.48 3.65 15.60
C LYS C 7 -24.31 2.82 14.35
N ASN C 8 -24.91 1.64 14.36
CA ASN C 8 -24.86 0.74 13.22
C ASN C 8 -26.09 0.87 12.36
N LEU C 9 -25.93 0.51 11.07
CA LEU C 9 -27.00 0.51 10.06
C LEU C 9 -28.03 -0.59 10.45
N GLY D 1 33.09 -23.33 6.96
CA GLY D 1 33.61 -24.02 5.79
C GLY D 1 33.28 -23.29 4.50
N SER D 2 32.35 -23.84 3.71
CA SER D 2 31.87 -23.24 2.46
C SER D 2 30.93 -22.07 2.80
N HIS D 3 30.80 -21.10 1.89
CA HIS D 3 29.93 -19.95 2.12
C HIS D 3 29.15 -19.60 0.88
N SER D 4 28.00 -18.98 1.05
CA SER D 4 27.18 -18.62 -0.10
C SER D 4 26.74 -17.19 -0.06
N MET D 5 26.50 -16.60 -1.24
CA MET D 5 25.86 -15.31 -1.36
C MET D 5 24.68 -15.50 -2.31
N ARG D 6 23.51 -14.95 -1.96
CA ARG D 6 22.32 -15.03 -2.80
C ARG D 6 21.53 -13.74 -2.82
N TYR D 7 20.97 -13.42 -4.00
CA TYR D 7 20.03 -12.32 -4.16
C TYR D 7 18.72 -12.93 -4.61
N PHE D 8 17.65 -12.58 -3.92
CA PHE D 8 16.31 -13.08 -4.19
C PHE D 8 15.43 -11.93 -4.53
N SER D 9 14.78 -11.99 -5.67
CA SER D 9 13.88 -10.92 -6.06
C SER D 9 12.52 -11.46 -6.51
N THR D 10 11.47 -10.68 -6.20
CA THR D 10 10.08 -10.99 -6.51
C THR D 10 9.40 -9.79 -7.18
N SER D 11 8.83 -10.00 -8.37
CA SER D 11 8.05 -9.00 -9.08
C SER D 11 6.63 -9.50 -9.14
N VAL D 12 5.67 -8.72 -8.63
CA VAL D 12 4.26 -9.10 -8.55
C VAL D 12 3.42 -8.03 -9.22
N SER D 13 2.78 -8.39 -10.34
CA SER D 13 1.91 -7.46 -11.05
C SER D 13 0.63 -7.28 -10.26
N ARG D 14 -0.02 -6.11 -10.36
CA ARG D 14 -1.27 -5.85 -9.61
C ARG D 14 -2.20 -5.04 -10.50
N PRO D 15 -2.84 -5.67 -11.52
CA PRO D 15 -3.71 -4.90 -12.44
C PRO D 15 -4.68 -3.93 -11.77
N GLY D 16 -4.72 -2.71 -12.25
CA GLY D 16 -5.59 -1.68 -11.68
C GLY D 16 -5.02 -0.98 -10.47
N ARG D 17 -3.83 -1.43 -9.95
CA ARG D 17 -3.16 -0.86 -8.79
C ARG D 17 -1.73 -0.36 -9.12
N GLY D 18 -1.53 0.04 -10.36
CA GLY D 18 -0.25 0.59 -10.83
C GLY D 18 0.71 -0.45 -11.35
N GLU D 19 2.00 -0.13 -11.24
CA GLU D 19 3.10 -0.96 -11.72
C GLU D 19 3.46 -2.13 -10.78
N PRO D 20 4.05 -3.24 -11.32
CA PRO D 20 4.43 -4.38 -10.45
C PRO D 20 5.34 -3.97 -9.33
N ARG D 21 5.11 -4.53 -8.14
CA ARG D 21 5.95 -4.29 -6.98
C ARG D 21 7.13 -5.22 -7.15
N PHE D 22 8.32 -4.71 -6.90
CA PHE D 22 9.56 -5.44 -6.94
C PHE D 22 10.22 -5.36 -5.57
N ILE D 23 10.62 -6.53 -5.06
CA ILE D 23 11.32 -6.65 -3.77
C ILE D 23 12.50 -7.57 -4.02
N ALA D 24 13.69 -7.11 -3.61
CA ALA D 24 14.94 -7.85 -3.68
C ALA D 24 15.62 -7.83 -2.30
N VAL D 25 16.16 -8.96 -1.92
CA VAL D 25 16.86 -9.19 -0.66
C VAL D 25 18.17 -9.89 -0.98
N GLY D 26 19.20 -9.55 -0.20
CA GLY D 26 20.53 -10.12 -0.34
C GLY D 26 20.91 -10.77 0.97
N TYR D 27 21.55 -11.94 0.89
CA TYR D 27 21.98 -12.79 2.00
C TYR D 27 23.39 -13.27 1.82
N VAL D 28 24.12 -13.40 2.94
CA VAL D 28 25.40 -14.12 3.04
C VAL D 28 25.00 -15.24 3.99
N ASP D 29 25.07 -16.51 3.50
CA ASP D 29 24.60 -17.69 4.25
C ASP D 29 23.16 -17.47 4.70
N ASP D 30 22.85 -17.58 6.00
CA ASP D 30 21.51 -17.33 6.52
C ASP D 30 21.33 -15.93 7.10
N THR D 31 22.25 -15.00 6.77
CA THR D 31 22.19 -13.61 7.23
C THR D 31 21.81 -12.65 6.08
N GLN D 32 20.66 -11.99 6.18
CA GLN D 32 20.27 -10.97 5.19
C GLN D 32 21.10 -9.67 5.45
N PHE D 33 21.48 -8.94 4.40
CA PHE D 33 22.32 -7.75 4.58
C PHE D 33 21.86 -6.52 3.81
N VAL D 34 20.99 -6.71 2.79
CA VAL D 34 20.42 -5.63 1.98
C VAL D 34 18.97 -5.89 1.60
N ARG D 35 18.22 -4.82 1.30
CA ARG D 35 16.88 -4.91 0.74
C ARG D 35 16.63 -3.78 -0.22
N PHE D 36 15.77 -4.02 -1.21
CA PHE D 36 15.24 -3.00 -2.10
C PHE D 36 13.76 -3.24 -2.24
N ASP D 37 12.96 -2.20 -2.05
CA ASP D 37 11.49 -2.28 -2.19
C ASP D 37 11.04 -1.07 -3.04
N SER D 38 10.54 -1.33 -4.29
CA SER D 38 10.08 -0.32 -5.23
C SER D 38 8.96 0.58 -4.63
N ASP D 39 8.18 0.05 -3.68
CA ASP D 39 7.13 0.82 -3.00
C ASP D 39 7.61 1.63 -1.80
N ALA D 40 8.81 1.36 -1.25
CA ALA D 40 9.31 2.11 -0.10
C ALA D 40 9.75 3.51 -0.53
N ALA D 41 9.68 4.46 0.41
CA ALA D 41 9.98 5.86 0.12
C ALA D 41 11.45 6.16 -0.28
N SER D 42 12.42 5.45 0.30
CA SER D 42 13.83 5.77 0.07
C SER D 42 14.32 5.63 -1.38
N GLN D 43 13.81 4.67 -2.17
CA GLN D 43 14.24 4.39 -3.55
C GLN D 43 15.77 4.10 -3.63
N ARG D 44 16.24 3.47 -2.54
CA ARG D 44 17.64 3.10 -2.37
C ARG D 44 17.73 1.65 -1.92
N MET D 45 18.81 0.99 -2.28
CA MET D 45 19.19 -0.31 -1.70
C MET D 45 19.50 0.02 -0.23
N GLU D 46 18.95 -0.74 0.70
CA GLU D 46 19.08 -0.42 2.11
C GLU D 46 19.92 -1.40 2.89
N PRO D 47 20.69 -0.92 3.92
CA PRO D 47 21.43 -1.87 4.76
C PRO D 47 20.48 -2.61 5.69
N ARG D 48 20.70 -3.93 5.86
CA ARG D 48 19.88 -4.75 6.77
C ARG D 48 20.74 -5.51 7.77
N ALA D 49 22.08 -5.34 7.73
CA ALA D 49 23.02 -6.01 8.64
C ALA D 49 24.03 -4.98 9.08
N PRO D 50 24.58 -5.08 10.31
CA PRO D 50 25.50 -4.02 10.77
C PRO D 50 26.77 -3.88 9.94
N TRP D 51 27.40 -5.01 9.55
CA TRP D 51 28.67 -5.07 8.82
C TRP D 51 28.69 -4.59 7.36
N ILE D 52 27.52 -4.24 6.79
CA ILE D 52 27.47 -3.70 5.42
C ILE D 52 27.44 -2.18 5.50
N GLU D 53 27.11 -1.63 6.66
CA GLU D 53 27.04 -0.18 6.88
C GLU D 53 28.41 0.53 6.68
N GLN D 54 29.50 -0.26 6.75
CA GLN D 54 30.86 0.20 6.54
C GLN D 54 31.22 0.38 5.06
N GLU D 55 30.24 0.17 4.15
CA GLU D 55 30.44 0.34 2.72
C GLU D 55 30.27 1.83 2.41
N GLY D 56 31.13 2.37 1.55
CA GLY D 56 31.12 3.80 1.20
C GLY D 56 29.95 4.27 0.37
N PRO D 57 29.81 5.62 0.16
CA PRO D 57 28.67 6.12 -0.64
C PRO D 57 28.61 5.58 -2.06
N GLU D 58 29.80 5.29 -2.65
CA GLU D 58 29.89 4.76 -4.02
C GLU D 58 29.25 3.33 -4.12
N TYR D 59 29.26 2.56 -3.01
CA TYR D 59 28.63 1.25 -2.98
C TYR D 59 27.10 1.40 -3.13
N TRP D 60 26.46 2.19 -2.23
CA TRP D 60 25.03 2.46 -2.23
C TRP D 60 24.56 3.06 -3.53
N ASP D 61 25.36 3.96 -4.14
CA ASP D 61 25.03 4.56 -5.45
C ASP D 61 25.00 3.45 -6.53
N GLU D 62 26.09 2.67 -6.64
CA GLU D 62 26.19 1.63 -7.69
C GLU D 62 25.15 0.51 -7.50
N GLU D 63 24.96 0.03 -6.25
CA GLU D 63 23.99 -1.02 -5.89
C GLU D 63 22.57 -0.61 -6.14
N THR D 64 22.25 0.65 -5.86
CA THR D 64 20.90 1.17 -6.13
C THR D 64 20.67 1.16 -7.65
N GLY D 65 21.67 1.60 -8.41
CA GLY D 65 21.59 1.64 -9.88
C GLY D 65 21.24 0.28 -10.45
N LYS D 66 21.96 -0.76 -9.98
CA LYS D 66 21.81 -2.16 -10.38
C LYS D 66 20.43 -2.73 -10.04
N VAL D 67 19.99 -2.58 -8.80
CA VAL D 67 18.71 -3.12 -8.33
C VAL D 67 17.52 -2.39 -8.99
N LYS D 68 17.67 -1.08 -9.32
CA LYS D 68 16.62 -0.38 -10.06
C LYS D 68 16.56 -0.89 -11.51
N ALA D 69 17.72 -1.11 -12.13
CA ALA D 69 17.79 -1.61 -13.50
C ALA D 69 17.13 -3.01 -13.60
N HIS D 70 17.32 -3.86 -12.57
CA HIS D 70 16.73 -5.22 -12.48
C HIS D 70 15.19 -5.11 -12.34
N SER D 71 14.70 -4.21 -11.49
CA SER D 71 13.25 -4.01 -11.39
C SER D 71 12.64 -3.61 -12.74
N GLN D 72 13.34 -2.79 -13.53
CA GLN D 72 12.86 -2.42 -14.87
C GLN D 72 12.90 -3.61 -15.83
N THR D 73 13.98 -4.38 -15.80
CA THR D 73 14.10 -5.60 -16.61
C THR D 73 12.99 -6.62 -16.28
N ASP D 74 12.71 -6.86 -14.99
CA ASP D 74 11.70 -7.85 -14.63
C ASP D 74 10.26 -7.35 -14.84
N ARG D 75 10.05 -6.04 -14.87
CA ARG D 75 8.76 -5.42 -15.20
C ARG D 75 8.42 -5.74 -16.72
N GLU D 76 9.40 -5.58 -17.64
CA GLU D 76 9.30 -5.92 -19.07
C GLU D 76 9.16 -7.41 -19.21
N ASN D 77 9.89 -8.18 -18.39
CA ASN D 77 9.84 -9.63 -18.45
C ASN D 77 8.45 -10.18 -18.10
N LEU D 78 7.74 -9.56 -17.15
CA LEU D 78 6.35 -9.93 -16.78
C LEU D 78 5.42 -9.76 -18.04
N ARG D 79 5.65 -8.72 -18.82
CA ARG D 79 4.92 -8.42 -20.05
C ARG D 79 5.19 -9.46 -21.13
N ILE D 80 6.47 -9.84 -21.30
CA ILE D 80 6.91 -10.87 -22.24
C ILE D 80 6.27 -12.22 -21.87
N ALA D 81 6.35 -12.59 -20.59
CA ALA D 81 5.78 -13.85 -20.08
C ALA D 81 4.27 -13.96 -20.34
N LEU D 82 3.55 -12.87 -20.19
CA LEU D 82 2.13 -12.75 -20.43
C LEU D 82 1.77 -13.13 -21.89
N ARG D 83 2.55 -12.64 -22.87
CA ARG D 83 2.41 -12.90 -24.30
C ARG D 83 2.73 -14.36 -24.58
N TYR D 84 3.89 -14.86 -24.09
CA TYR D 84 4.29 -16.27 -24.26
C TYR D 84 3.23 -17.30 -23.83
N TYR D 85 2.55 -17.00 -22.71
CA TYR D 85 1.56 -17.86 -22.08
C TYR D 85 0.14 -17.54 -22.46
N ASN D 86 -0.07 -16.47 -23.30
CA ASN D 86 -1.38 -16.06 -23.77
C ASN D 86 -2.29 -15.79 -22.61
N GLN D 87 -1.76 -15.01 -21.64
CA GLN D 87 -2.50 -14.66 -20.43
C GLN D 87 -3.07 -13.26 -20.53
N SER D 88 -4.12 -12.99 -19.74
CA SER D 88 -4.80 -11.70 -19.70
C SER D 88 -4.09 -10.69 -18.75
N GLU D 89 -4.10 -9.42 -19.18
CA GLU D 89 -3.57 -8.26 -18.43
C GLU D 89 -4.44 -8.02 -17.17
N ALA D 90 -5.59 -8.71 -17.02
CA ALA D 90 -6.47 -8.59 -15.84
C ALA D 90 -6.08 -9.50 -14.63
N GLY D 91 -5.19 -10.46 -14.82
CA GLY D 91 -4.78 -11.36 -13.75
C GLY D 91 -3.39 -11.05 -13.21
N SER D 92 -3.16 -11.25 -11.88
CA SER D 92 -1.85 -11.03 -11.25
C SER D 92 -0.87 -12.16 -11.56
N HIS D 93 0.42 -11.82 -11.77
CA HIS D 93 1.49 -12.77 -12.06
C HIS D 93 2.74 -12.46 -11.27
N THR D 94 3.61 -13.47 -11.12
CA THR D 94 4.81 -13.43 -10.29
C THR D 94 6.02 -13.90 -11.09
N LEU D 95 7.08 -13.15 -10.99
CA LEU D 95 8.34 -13.46 -11.60
C LEU D 95 9.39 -13.40 -10.49
N GLN D 96 10.01 -14.55 -10.21
CA GLN D 96 11.00 -14.59 -9.16
C GLN D 96 12.33 -14.82 -9.75
N MET D 97 13.35 -14.25 -9.13
CA MET D 97 14.68 -14.50 -9.61
C MET D 97 15.64 -14.72 -8.46
N MET D 98 16.59 -15.63 -8.66
CA MET D 98 17.65 -15.88 -7.74
C MET D 98 18.95 -15.91 -8.53
N PHE D 99 20.02 -15.37 -7.92
CA PHE D 99 21.36 -15.43 -8.45
C PHE D 99 22.35 -15.38 -7.31
N GLY D 100 23.49 -15.99 -7.50
CA GLY D 100 24.54 -15.95 -6.50
C GLY D 100 25.60 -17.00 -6.66
N CYS D 101 26.50 -17.08 -5.68
CA CYS D 101 27.64 -17.98 -5.73
C CYS D 101 27.90 -18.62 -4.40
N ASP D 102 28.64 -19.74 -4.44
CA ASP D 102 29.12 -20.54 -3.33
C ASP D 102 30.64 -20.57 -3.42
N VAL D 103 31.33 -20.32 -2.28
CA VAL D 103 32.80 -20.34 -2.17
C VAL D 103 33.25 -21.41 -1.17
N GLY D 104 34.46 -21.95 -1.34
CA GLY D 104 35.07 -22.89 -0.39
C GLY D 104 35.69 -22.12 0.77
N SER D 105 36.26 -22.84 1.74
CA SER D 105 36.92 -22.29 2.94
C SER D 105 37.99 -21.24 2.63
N ASP D 106 38.71 -21.44 1.52
CA ASP D 106 39.78 -20.59 1.00
C ASP D 106 39.30 -19.43 0.13
N GLY D 107 37.98 -19.31 -0.06
CA GLY D 107 37.36 -18.25 -0.86
C GLY D 107 37.29 -18.55 -2.34
N ARG D 108 37.58 -19.82 -2.72
CA ARG D 108 37.57 -20.30 -4.10
C ARG D 108 36.15 -20.42 -4.66
N PHE D 109 35.95 -20.10 -5.95
CA PHE D 109 34.65 -20.30 -6.59
C PHE D 109 34.34 -21.80 -6.55
N LEU D 110 33.13 -22.18 -6.10
CA LEU D 110 32.59 -23.55 -6.02
C LEU D 110 31.38 -23.71 -6.98
N ARG D 111 30.38 -22.80 -6.92
CA ARG D 111 29.16 -22.86 -7.74
C ARG D 111 28.54 -21.49 -7.98
N GLY D 112 27.83 -21.36 -9.11
CA GLY D 112 27.14 -20.16 -9.55
C GLY D 112 25.74 -20.54 -9.94
N TYR D 113 24.76 -19.61 -9.68
CA TYR D 113 23.32 -19.72 -9.95
C TYR D 113 22.78 -18.45 -10.56
N HIS D 114 21.82 -18.60 -11.48
CA HIS D 114 21.15 -17.50 -12.14
C HIS D 114 19.90 -18.11 -12.75
N GLN D 115 18.77 -17.93 -12.08
CA GLN D 115 17.53 -18.59 -12.49
C GLN D 115 16.28 -17.78 -12.20
N TYR D 116 15.20 -18.10 -12.96
CA TYR D 116 13.86 -17.52 -12.91
C TYR D 116 12.81 -18.62 -12.67
N ALA D 117 11.71 -18.24 -12.01
CA ALA D 117 10.48 -18.98 -11.83
C ALA D 117 9.38 -18.03 -12.21
N TYR D 118 8.41 -18.52 -12.97
CA TYR D 118 7.24 -17.73 -13.33
C TYR D 118 6.05 -18.41 -12.66
N ASP D 119 5.30 -17.65 -11.86
CA ASP D 119 4.13 -18.15 -11.14
C ASP D 119 4.44 -19.43 -10.28
N GLY D 120 5.52 -19.36 -9.55
CA GLY D 120 5.95 -20.43 -8.64
C GLY D 120 6.60 -21.65 -9.27
N LYS D 121 6.76 -21.66 -10.61
CA LYS D 121 7.33 -22.76 -11.36
C LYS D 121 8.62 -22.36 -12.04
N ASP D 122 9.61 -23.28 -12.08
CA ASP D 122 10.85 -23.08 -12.83
C ASP D 122 10.52 -22.65 -14.24
N TYR D 123 11.27 -21.67 -14.73
CA TYR D 123 11.14 -21.18 -16.09
C TYR D 123 12.48 -21.44 -16.78
N ILE D 124 13.54 -20.74 -16.36
CA ILE D 124 14.86 -20.95 -16.95
C ILE D 124 15.95 -20.89 -15.88
N ALA D 125 16.94 -21.78 -15.96
CA ALA D 125 18.06 -21.84 -15.02
C ALA D 125 19.39 -22.03 -15.73
N LEU D 126 20.41 -21.25 -15.31
CA LEU D 126 21.76 -21.44 -15.83
C LEU D 126 22.28 -22.80 -15.31
N LYS D 127 22.93 -23.61 -16.20
CA LYS D 127 23.49 -24.91 -15.79
C LYS D 127 24.80 -24.69 -15.05
N GLU D 128 25.27 -25.71 -14.31
CA GLU D 128 26.49 -25.68 -13.49
C GLU D 128 27.73 -25.27 -14.27
N ASP D 129 27.79 -25.62 -15.57
CA ASP D 129 28.89 -25.25 -16.46
C ASP D 129 28.89 -23.75 -16.75
N LEU D 130 27.79 -23.02 -16.41
CA LEU D 130 27.66 -21.55 -16.61
C LEU D 130 27.74 -21.17 -18.10
N ARG D 131 27.26 -22.05 -18.97
CA ARG D 131 27.37 -21.84 -20.41
C ARG D 131 26.10 -22.14 -21.15
N SER D 132 25.23 -22.94 -20.57
CA SER D 132 23.96 -23.35 -21.18
C SER D 132 22.80 -23.20 -20.17
N TRP D 133 21.58 -23.29 -20.68
CA TRP D 133 20.37 -23.06 -19.93
C TRP D 133 19.44 -24.27 -19.90
N THR D 134 18.76 -24.45 -18.75
CA THR D 134 17.71 -25.44 -18.58
C THR D 134 16.37 -24.70 -18.76
N ALA D 135 15.64 -25.00 -19.84
CA ALA D 135 14.33 -24.39 -20.08
C ALA D 135 13.33 -25.42 -19.57
N ALA D 136 12.44 -25.02 -18.62
CA ALA D 136 11.53 -25.98 -17.99
C ALA D 136 10.27 -26.28 -18.80
N ASP D 137 9.96 -25.43 -19.79
CA ASP D 137 8.79 -25.60 -20.65
C ASP D 137 9.08 -25.03 -22.02
N MET D 138 8.07 -25.05 -22.91
CA MET D 138 8.13 -24.56 -24.28
C MET D 138 8.33 -23.05 -24.40
N ALA D 139 7.70 -22.25 -23.50
CA ALA D 139 7.86 -20.78 -23.53
C ALA D 139 9.32 -20.42 -23.16
N ALA D 140 9.90 -21.13 -22.19
CA ALA D 140 11.29 -20.94 -21.74
C ALA D 140 12.28 -21.34 -22.83
N GLN D 141 11.86 -22.20 -23.77
CA GLN D 141 12.71 -22.68 -24.88
C GLN D 141 12.99 -21.55 -25.88
N ILE D 142 12.07 -20.58 -25.97
CA ILE D 142 12.19 -19.37 -26.78
C ILE D 142 13.29 -18.50 -26.16
N THR D 143 13.26 -18.36 -24.82
CA THR D 143 14.24 -17.55 -24.10
C THR D 143 15.60 -18.19 -24.29
N LYS D 144 15.70 -19.48 -24.07
CA LYS D 144 16.93 -20.28 -24.17
C LYS D 144 17.60 -20.14 -25.54
N ARG D 145 16.85 -20.28 -26.64
CA ARG D 145 17.38 -20.17 -28.00
C ARG D 145 17.99 -18.81 -28.22
N LYS D 146 17.26 -17.76 -27.82
CA LYS D 146 17.68 -16.36 -27.93
C LYS D 146 18.96 -16.09 -27.09
N TRP D 147 18.97 -16.50 -25.82
CA TRP D 147 20.11 -16.29 -24.90
C TRP D 147 21.34 -17.09 -25.32
N GLU D 148 21.12 -18.28 -25.88
CA GLU D 148 22.22 -19.12 -26.37
C GLU D 148 22.82 -18.56 -27.66
N ALA D 149 21.99 -18.08 -28.60
CA ALA D 149 22.48 -17.45 -29.84
C ALA D 149 23.29 -16.16 -29.56
N ALA D 150 22.84 -15.37 -28.58
CA ALA D 150 23.47 -14.11 -28.21
C ALA D 150 24.61 -14.27 -27.16
N HIS D 151 24.96 -15.56 -26.78
CA HIS D 151 26.04 -15.97 -25.86
C HIS D 151 25.94 -15.24 -24.52
N VAL D 152 24.70 -15.02 -24.07
CA VAL D 152 24.34 -14.25 -22.88
C VAL D 152 25.02 -14.78 -21.60
N ALA D 153 25.13 -16.10 -21.44
CA ALA D 153 25.71 -16.79 -20.26
C ALA D 153 27.16 -16.33 -19.86
N GLU D 154 27.94 -15.80 -20.83
CA GLU D 154 29.29 -15.29 -20.61
C GLU D 154 29.32 -14.15 -19.60
N GLN D 155 28.29 -13.32 -19.62
CA GLN D 155 28.14 -12.22 -18.67
C GLN D 155 27.79 -12.74 -17.29
N GLN D 156 26.96 -13.80 -17.23
CA GLN D 156 26.56 -14.40 -15.95
C GLN D 156 27.80 -15.03 -15.35
N ARG D 157 28.55 -15.77 -16.18
CA ARG D 157 29.77 -16.44 -15.75
C ARG D 157 30.81 -15.45 -15.26
N ALA D 158 31.00 -14.31 -15.98
CA ALA D 158 31.99 -13.30 -15.58
C ALA D 158 31.63 -12.80 -14.19
N TYR D 159 30.32 -12.46 -13.97
CA TYR D 159 29.83 -12.02 -12.69
C TYR D 159 30.00 -13.08 -11.59
N LEU D 160 29.57 -14.31 -11.85
CA LEU D 160 29.53 -15.38 -10.86
C LEU D 160 30.91 -15.82 -10.35
N GLU D 161 31.91 -15.83 -11.24
CA GLU D 161 33.27 -16.25 -10.90
C GLU D 161 34.08 -15.05 -10.42
N GLY D 162 33.68 -13.85 -10.84
CA GLY D 162 34.41 -12.62 -10.52
C GLY D 162 33.82 -11.83 -9.39
N THR D 163 32.98 -10.85 -9.75
CA THR D 163 32.26 -9.90 -8.88
C THR D 163 31.57 -10.55 -7.67
N CYS D 164 30.78 -11.61 -7.90
CA CYS D 164 30.06 -12.31 -6.85
C CYS D 164 31.07 -12.85 -5.82
N VAL D 165 32.05 -13.66 -6.27
CA VAL D 165 33.09 -14.24 -5.42
C VAL D 165 33.85 -13.13 -4.63
N ASP D 166 34.23 -12.04 -5.31
CA ASP D 166 34.93 -10.91 -4.66
C ASP D 166 34.09 -10.25 -3.57
N GLY D 167 32.78 -10.09 -3.82
CA GLY D 167 31.82 -9.47 -2.89
C GLY D 167 31.65 -10.32 -1.65
N LEU D 168 31.33 -11.62 -1.84
CA LEU D 168 31.15 -12.58 -0.77
C LEU D 168 32.39 -12.63 0.15
N ARG D 169 33.59 -12.75 -0.45
CA ARG D 169 34.88 -12.80 0.28
C ARG D 169 35.11 -11.53 1.10
N ARG D 170 34.79 -10.34 0.55
CA ARG D 170 34.89 -9.06 1.28
C ARG D 170 33.87 -9.03 2.46
N TYR D 171 32.64 -9.50 2.20
CA TYR D 171 31.59 -9.49 3.23
C TYR D 171 31.94 -10.39 4.38
N LEU D 172 32.45 -11.60 4.08
CA LEU D 172 32.88 -12.62 5.05
C LEU D 172 33.98 -12.10 5.97
N GLU D 173 34.90 -11.25 5.44
CA GLU D 173 35.98 -10.61 6.21
C GLU D 173 35.48 -9.43 7.08
N ASN D 174 34.66 -8.52 6.50
CA ASN D 174 34.08 -7.37 7.22
C ASN D 174 33.05 -7.76 8.27
N GLY D 175 32.34 -8.86 8.04
CA GLY D 175 31.35 -9.37 8.97
C GLY D 175 31.78 -10.65 9.65
N LYS D 176 33.12 -10.85 9.82
CA LYS D 176 33.74 -12.02 10.45
C LYS D 176 33.13 -12.42 11.80
N GLU D 177 32.90 -11.45 12.71
CA GLU D 177 32.36 -11.67 14.07
C GLU D 177 30.97 -12.32 14.07
N THR D 178 30.11 -11.90 13.12
CA THR D 178 28.74 -12.32 12.88
C THR D 178 28.70 -13.58 11.99
N LEU D 179 29.26 -13.47 10.78
CA LEU D 179 29.19 -14.46 9.73
C LEU D 179 30.03 -15.70 9.93
N GLN D 180 31.23 -15.58 10.53
CA GLN D 180 32.07 -16.77 10.74
C GLN D 180 32.02 -17.31 12.18
N ARG D 181 30.99 -16.95 12.96
CA ARG D 181 30.85 -17.34 14.36
C ARG D 181 30.52 -18.83 14.60
N THR D 182 30.92 -19.31 15.78
CA THR D 182 30.66 -20.66 16.31
C THR D 182 29.48 -20.43 17.25
N ASP D 183 28.26 -20.71 16.76
CA ASP D 183 26.99 -20.51 17.48
C ASP D 183 26.24 -21.86 17.62
N PRO D 184 26.65 -22.72 18.58
CA PRO D 184 26.04 -24.07 18.70
C PRO D 184 24.62 -24.08 19.25
N PRO D 185 23.81 -25.13 19.02
CA PRO D 185 22.49 -25.14 19.63
C PRO D 185 22.55 -25.35 21.14
N LYS D 186 21.63 -24.69 21.87
CA LYS D 186 21.39 -24.89 23.31
C LYS D 186 20.31 -25.99 23.26
N THR D 187 20.60 -27.18 23.82
CA THR D 187 19.68 -28.31 23.74
C THR D 187 19.08 -28.74 25.08
N HIS D 188 17.87 -29.35 25.01
CA HIS D 188 17.14 -29.94 26.13
C HIS D 188 16.05 -30.87 25.61
N MET D 189 15.54 -31.70 26.50
CA MET D 189 14.52 -32.67 26.19
C MET D 189 13.37 -32.50 27.13
N THR D 190 12.16 -32.47 26.57
CA THR D 190 10.95 -32.38 27.37
C THR D 190 10.16 -33.69 27.19
N HIS D 191 9.33 -34.01 28.19
CA HIS D 191 8.50 -35.21 28.23
C HIS D 191 7.06 -34.78 28.38
N HIS D 192 6.19 -35.32 27.53
CA HIS D 192 4.78 -34.97 27.45
C HIS D 192 3.84 -36.20 27.46
N PRO D 193 3.37 -36.66 28.64
CA PRO D 193 2.44 -37.82 28.67
C PRO D 193 1.20 -37.60 27.80
N ILE D 194 0.85 -38.57 26.96
CA ILE D 194 -0.30 -38.52 26.05
C ILE D 194 -1.48 -39.28 26.69
N SER D 195 -1.16 -40.40 27.34
CA SER D 195 -2.06 -41.33 28.02
C SER D 195 -1.22 -42.06 29.06
N ASP D 196 -1.80 -43.10 29.68
CA ASP D 196 -1.13 -43.92 30.68
C ASP D 196 -0.15 -44.91 30.02
N HIS D 197 -0.26 -45.07 28.69
CA HIS D 197 0.47 -46.00 27.81
C HIS D 197 1.48 -45.39 26.85
N GLU D 198 1.36 -44.06 26.59
CA GLU D 198 2.21 -43.35 25.66
C GLU D 198 2.62 -41.98 26.19
N ALA D 199 3.78 -41.49 25.70
CA ALA D 199 4.34 -40.18 26.05
C ALA D 199 5.14 -39.62 24.87
N THR D 200 5.14 -38.30 24.71
CA THR D 200 5.95 -37.67 23.66
C THR D 200 7.26 -37.25 24.29
N LEU D 201 8.38 -37.51 23.57
CA LEU D 201 9.68 -37.00 23.96
C LEU D 201 10.00 -35.96 22.88
N ARG D 202 10.28 -34.71 23.25
CA ARG D 202 10.60 -33.65 22.31
C ARG D 202 12.01 -33.16 22.61
N CYS D 203 12.87 -33.26 21.61
CA CYS D 203 14.25 -32.85 21.61
C CYS D 203 14.32 -31.49 20.95
N TRP D 204 14.78 -30.49 21.69
CA TRP D 204 14.88 -29.09 21.30
C TRP D 204 16.30 -28.64 20.97
N ALA D 205 16.44 -27.81 19.97
CA ALA D 205 17.72 -27.20 19.57
C ALA D 205 17.41 -25.72 19.37
N LEU D 206 18.01 -24.86 20.21
CA LEU D 206 17.71 -23.44 20.17
C LEU D 206 18.96 -22.58 20.09
N GLY D 207 18.80 -21.36 19.60
CA GLY D 207 19.86 -20.36 19.53
C GLY D 207 21.05 -20.70 18.68
N PHE D 208 20.87 -21.49 17.61
CA PHE D 208 21.96 -21.89 16.73
C PHE D 208 22.07 -21.08 15.46
N TYR D 209 23.29 -20.94 14.96
CA TYR D 209 23.63 -20.31 13.67
C TYR D 209 24.85 -21.05 13.07
N PRO D 210 24.87 -21.43 11.76
CA PRO D 210 23.85 -21.24 10.72
C PRO D 210 22.66 -22.17 10.89
N ALA D 211 21.64 -22.03 10.05
CA ALA D 211 20.41 -22.80 10.08
C ALA D 211 20.58 -24.30 9.93
N GLU D 212 21.56 -24.76 9.13
CA GLU D 212 21.79 -26.21 8.91
C GLU D 212 21.97 -26.98 10.25
N ILE D 213 21.14 -28.02 10.48
CA ILE D 213 21.14 -28.86 11.67
C ILE D 213 20.45 -30.17 11.34
N THR D 214 20.84 -31.25 12.02
CA THR D 214 20.20 -32.56 11.90
C THR D 214 19.83 -33.01 13.32
N LEU D 215 18.60 -33.45 13.49
CA LEU D 215 18.09 -34.04 14.72
C LEU D 215 17.59 -35.41 14.32
N THR D 216 18.11 -36.47 14.95
CA THR D 216 17.69 -37.84 14.64
C THR D 216 17.40 -38.57 15.97
N TRP D 217 16.47 -39.52 15.93
CA TRP D 217 16.17 -40.31 17.09
C TRP D 217 16.65 -41.71 16.91
N GLN D 218 17.05 -42.34 18.01
CA GLN D 218 17.49 -43.73 18.04
C GLN D 218 16.78 -44.41 19.20
N ARG D 219 16.62 -45.73 19.11
CA ARG D 219 16.06 -46.57 20.15
C ARG D 219 17.04 -47.70 20.32
N ASP D 220 17.59 -47.86 21.54
CA ASP D 220 18.60 -48.87 21.87
C ASP D 220 19.86 -48.77 20.98
N GLY D 221 20.19 -47.55 20.52
CA GLY D 221 21.36 -47.33 19.67
C GLY D 221 21.15 -47.61 18.20
N GLU D 222 19.90 -47.90 17.79
CA GLU D 222 19.49 -48.18 16.42
C GLU D 222 18.60 -47.04 15.96
N ASP D 223 18.80 -46.54 14.73
CA ASP D 223 18.01 -45.44 14.15
C ASP D 223 16.51 -45.77 14.12
N GLN D 224 15.70 -44.76 14.52
CA GLN D 224 14.26 -44.83 14.70
C GLN D 224 13.60 -43.69 13.93
N THR D 225 12.67 -44.03 13.04
CA THR D 225 11.94 -43.04 12.23
C THR D 225 10.42 -43.22 12.39
N GLN D 226 10.00 -44.46 12.72
CA GLN D 226 8.63 -44.92 12.90
C GLN D 226 7.63 -43.86 13.44
N ASP D 227 7.83 -43.35 14.67
CA ASP D 227 6.90 -42.38 15.26
C ASP D 227 7.53 -40.99 15.50
N THR D 228 8.31 -40.53 14.52
CA THR D 228 9.06 -39.28 14.53
C THR D 228 8.24 -38.12 13.92
N GLU D 229 8.39 -36.93 14.53
CA GLU D 229 7.78 -35.67 14.14
C GLU D 229 8.93 -34.66 14.14
N LEU D 230 9.14 -33.96 13.05
CA LEU D 230 10.22 -33.00 12.92
C LEU D 230 9.64 -31.65 12.43
N VAL D 231 9.83 -30.52 13.17
CA VAL D 231 9.36 -29.20 12.68
C VAL D 231 10.41 -28.58 11.78
N GLU D 232 9.97 -27.71 10.85
CA GLU D 232 10.87 -27.00 9.98
C GLU D 232 11.69 -25.99 10.76
N THR D 233 12.95 -25.82 10.36
CA THR D 233 13.86 -24.89 11.03
C THR D 233 13.23 -23.52 10.91
N ARG D 234 13.10 -22.86 12.04
CA ARG D 234 12.42 -21.56 12.08
C ARG D 234 13.34 -20.48 12.65
N PRO D 235 13.25 -19.21 12.20
CA PRO D 235 14.13 -18.18 12.77
C PRO D 235 13.65 -17.69 14.15
N ALA D 236 14.59 -17.47 15.09
CA ALA D 236 14.26 -16.91 16.40
C ALA D 236 13.92 -15.43 16.33
N GLY D 237 14.43 -14.74 15.31
CA GLY D 237 14.21 -13.32 15.08
C GLY D 237 15.38 -12.46 15.51
N ASP D 238 16.34 -13.06 16.23
CA ASP D 238 17.56 -12.39 16.71
C ASP D 238 18.82 -12.82 15.87
N GLY D 239 18.61 -13.46 14.72
CA GLY D 239 19.70 -13.97 13.90
C GLY D 239 20.02 -15.45 14.11
N THR D 240 19.40 -16.08 15.13
CA THR D 240 19.58 -17.51 15.41
C THR D 240 18.34 -18.33 14.98
N PHE D 241 18.43 -19.66 15.06
CA PHE D 241 17.37 -20.56 14.59
C PHE D 241 17.00 -21.57 15.63
N GLN D 242 15.83 -22.17 15.47
CA GLN D 242 15.28 -23.15 16.40
C GLN D 242 14.77 -24.33 15.59
N LYS D 243 14.72 -25.50 16.22
CA LYS D 243 14.18 -26.73 15.63
C LYS D 243 13.90 -27.69 16.74
N TRP D 244 12.92 -28.59 16.53
CA TRP D 244 12.67 -29.68 17.44
C TRP D 244 12.26 -30.94 16.69
N ALA D 245 12.54 -32.09 17.31
CA ALA D 245 12.19 -33.42 16.81
C ALA D 245 11.51 -34.12 17.99
N ALA D 246 10.48 -34.91 17.71
CA ALA D 246 9.71 -35.57 18.74
C ALA D 246 9.44 -37.02 18.37
N VAL D 247 9.24 -37.87 19.39
CA VAL D 247 8.90 -39.30 19.25
C VAL D 247 7.82 -39.62 20.23
N VAL D 248 6.92 -40.51 19.85
CA VAL D 248 5.88 -41.03 20.70
C VAL D 248 6.41 -42.37 21.15
N VAL D 249 6.53 -42.53 22.46
CA VAL D 249 7.13 -43.72 23.03
C VAL D 249 6.20 -44.44 24.00
N PRO D 250 6.35 -45.78 24.17
CA PRO D 250 5.57 -46.46 25.26
C PRO D 250 6.03 -45.97 26.65
N SER D 251 5.06 -45.77 27.57
CA SER D 251 5.32 -45.36 28.95
C SER D 251 6.26 -46.35 29.64
N GLY D 252 7.29 -45.83 30.33
CA GLY D 252 8.26 -46.67 31.03
C GLY D 252 9.49 -47.01 30.20
N GLU D 253 9.39 -46.84 28.85
CA GLU D 253 10.49 -47.15 27.93
C GLU D 253 11.26 -45.90 27.43
N GLU D 254 10.91 -44.70 27.95
CA GLU D 254 11.50 -43.42 27.51
C GLU D 254 13.04 -43.33 27.48
N GLN D 255 13.77 -43.89 28.49
CA GLN D 255 15.23 -43.73 28.52
C GLN D 255 15.98 -44.60 27.52
N ARG D 256 15.27 -45.46 26.77
CA ARG D 256 15.84 -46.31 25.72
C ARG D 256 16.10 -45.44 24.51
N TYR D 257 15.40 -44.30 24.43
CA TYR D 257 15.51 -43.40 23.29
C TYR D 257 16.55 -42.34 23.46
N THR D 258 17.26 -42.03 22.38
CA THR D 258 18.23 -40.93 22.38
C THR D 258 18.07 -40.00 21.19
N CYS D 259 18.25 -38.70 21.43
CA CYS D 259 18.17 -37.69 20.39
C CYS D 259 19.57 -37.21 20.03
N HIS D 260 19.87 -37.24 18.77
CA HIS D 260 21.18 -36.96 18.20
C HIS D 260 21.21 -35.62 17.44
N VAL D 261 22.01 -34.66 17.93
CA VAL D 261 22.09 -33.29 17.42
C VAL D 261 23.41 -33.04 16.67
N GLN D 262 23.30 -32.80 15.37
CA GLN D 262 24.48 -32.54 14.53
C GLN D 262 24.44 -31.08 14.06
N HIS D 263 25.44 -30.29 14.44
CA HIS D 263 25.58 -28.88 14.13
C HIS D 263 27.06 -28.48 14.07
N GLU D 264 27.44 -27.61 13.13
CA GLU D 264 28.84 -27.22 12.94
C GLU D 264 29.46 -26.39 14.08
N GLY D 265 28.62 -25.82 14.94
CA GLY D 265 29.07 -25.07 16.11
C GLY D 265 29.49 -25.99 17.24
N LEU D 266 29.17 -27.30 17.14
CA LEU D 266 29.49 -28.30 18.17
C LEU D 266 30.82 -28.99 17.92
N PRO D 267 31.67 -29.17 18.96
CA PRO D 267 32.93 -29.92 18.74
C PRO D 267 32.66 -31.38 18.34
N LYS D 268 31.54 -31.92 18.86
CA LYS D 268 31.10 -33.27 18.59
C LYS D 268 29.60 -33.27 18.52
N PRO D 269 28.95 -34.20 17.80
CA PRO D 269 27.50 -34.31 17.90
C PRO D 269 27.07 -34.72 19.32
N LEU D 270 25.97 -34.13 19.79
CA LEU D 270 25.36 -34.36 21.09
C LEU D 270 24.35 -35.52 21.06
N THR D 271 24.32 -36.30 22.15
CA THR D 271 23.37 -37.37 22.38
C THR D 271 22.60 -36.99 23.63
N LEU D 272 21.27 -36.84 23.54
CA LEU D 272 20.42 -36.52 24.70
C LEU D 272 19.57 -37.72 25.09
N ARG D 273 19.41 -37.97 26.37
CA ARG D 273 18.59 -39.08 26.84
C ARG D 273 17.70 -38.50 27.91
N TRP D 274 16.43 -38.93 27.98
CA TRP D 274 15.54 -38.46 29.04
C TRP D 274 16.11 -38.84 30.42
N GLU D 275 16.21 -37.86 31.32
CA GLU D 275 16.64 -38.04 32.71
C GLU D 275 15.50 -37.56 33.60
N PRO D 276 14.65 -38.47 34.10
CA PRO D 276 13.50 -38.04 34.94
C PRO D 276 13.87 -37.67 36.37
N ILE E 2 0.13 -24.66 -8.89
CA ILE E 2 0.53 -23.25 -9.02
C ILE E 2 0.50 -22.57 -7.64
N GLN E 3 -0.64 -22.67 -6.93
CA GLN E 3 -0.85 -22.12 -5.59
C GLN E 3 -0.47 -23.10 -4.48
N ARG E 4 0.26 -22.66 -3.45
CA ARG E 4 0.68 -23.48 -2.30
C ARG E 4 0.19 -22.84 -1.02
N THR E 5 -0.34 -23.66 -0.13
CA THR E 5 -0.91 -23.23 1.13
C THR E 5 0.21 -22.98 2.19
N PRO E 6 0.10 -21.92 3.00
CA PRO E 6 1.15 -21.65 3.98
C PRO E 6 1.25 -22.65 5.14
N LYS E 7 2.50 -22.95 5.56
CA LYS E 7 2.78 -23.73 6.77
C LYS E 7 2.89 -22.62 7.79
N ILE E 8 2.40 -22.83 9.01
CA ILE E 8 2.40 -21.81 10.05
C ILE E 8 3.03 -22.36 11.31
N GLN E 9 3.90 -21.58 11.97
CA GLN E 9 4.45 -21.93 13.28
C GLN E 9 4.37 -20.67 14.13
N VAL E 10 3.87 -20.79 15.38
CA VAL E 10 3.71 -19.68 16.36
C VAL E 10 4.56 -20.08 17.52
N TYR E 11 5.47 -19.20 17.96
CA TYR E 11 6.42 -19.58 19.00
C TYR E 11 7.09 -18.35 19.57
N SER E 12 7.79 -18.48 20.69
CA SER E 12 8.52 -17.39 21.33
C SER E 12 9.98 -17.47 20.97
N ARG E 13 10.66 -16.30 20.92
CA ARG E 13 12.10 -16.25 20.66
C ARG E 13 12.88 -17.00 21.75
N HIS E 14 12.52 -16.75 23.02
CA HIS E 14 13.15 -17.34 24.21
C HIS E 14 12.14 -18.20 24.92
N PRO E 15 12.57 -19.19 25.76
CA PRO E 15 11.57 -20.01 26.48
C PRO E 15 10.67 -19.13 27.36
N ALA E 16 9.36 -19.42 27.32
CA ALA E 16 8.34 -18.67 28.04
C ALA E 16 8.51 -18.76 29.56
N GLU E 17 8.84 -17.62 30.17
CA GLU E 17 9.02 -17.40 31.60
C GLU E 17 8.03 -16.26 31.90
N ASN E 18 6.93 -16.59 32.63
CA ASN E 18 5.82 -15.67 32.97
C ASN E 18 6.27 -14.38 33.65
N GLY E 19 5.75 -13.27 33.17
CA GLY E 19 6.08 -11.94 33.68
C GLY E 19 7.33 -11.29 33.12
N LYS E 20 8.07 -11.99 32.24
CA LYS E 20 9.31 -11.49 31.66
C LYS E 20 9.15 -11.21 30.18
N SER E 21 9.74 -10.09 29.71
CA SER E 21 9.68 -9.65 28.30
C SER E 21 10.28 -10.69 27.35
N ASN E 22 9.62 -10.86 26.20
CA ASN E 22 9.96 -11.82 25.17
C ASN E 22 9.50 -11.30 23.78
N PHE E 23 9.54 -12.18 22.76
CA PHE E 23 9.07 -11.92 21.41
C PHE E 23 8.29 -13.11 21.00
N LEU E 24 7.12 -12.86 20.46
CA LEU E 24 6.18 -13.80 19.93
C LEU E 24 6.33 -13.70 18.42
N ASN E 25 6.61 -14.85 17.76
CA ASN E 25 6.80 -14.98 16.33
C ASN E 25 5.70 -15.81 15.68
N CYS E 26 5.35 -15.46 14.45
CA CYS E 26 4.54 -16.27 13.57
C CYS E 26 5.33 -16.41 12.28
N TYR E 27 5.80 -17.62 11.99
CA TYR E 27 6.58 -17.90 10.79
C TYR E 27 5.64 -18.55 9.78
N VAL E 28 5.47 -17.89 8.62
CA VAL E 28 4.66 -18.40 7.52
C VAL E 28 5.63 -18.77 6.44
N SER E 29 5.49 -19.99 5.86
CA SER E 29 6.43 -20.47 4.83
C SER E 29 5.76 -21.44 3.88
N GLY E 30 6.44 -21.73 2.78
CA GLY E 30 5.98 -22.66 1.74
C GLY E 30 4.74 -22.24 1.00
N PHE E 31 4.45 -20.93 0.97
CA PHE E 31 3.23 -20.43 0.28
C PHE E 31 3.52 -19.80 -1.05
N HIS E 32 2.48 -19.78 -1.91
CA HIS E 32 2.49 -19.19 -3.25
C HIS E 32 1.04 -18.94 -3.68
N PRO E 33 0.64 -17.74 -4.17
CA PRO E 33 1.44 -16.52 -4.43
C PRO E 33 1.84 -15.79 -3.15
N SER E 34 2.64 -14.71 -3.27
CA SER E 34 3.19 -13.99 -2.10
C SER E 34 2.19 -13.14 -1.25
N ASP E 35 1.05 -12.68 -1.78
CA ASP E 35 0.12 -11.90 -0.92
C ASP E 35 -0.38 -12.80 0.19
N ILE E 36 -0.35 -12.29 1.43
CA ILE E 36 -0.77 -13.07 2.60
C ILE E 36 -1.16 -12.11 3.70
N GLU E 37 -2.11 -12.52 4.55
CA GLU E 37 -2.57 -11.70 5.68
C GLU E 37 -2.17 -12.43 6.95
N VAL E 38 -1.35 -11.79 7.81
CA VAL E 38 -0.87 -12.43 9.04
C VAL E 38 -1.08 -11.48 10.23
N ASP E 39 -1.85 -11.94 11.22
CA ASP E 39 -2.13 -11.22 12.46
C ASP E 39 -1.68 -12.01 13.70
N LEU E 40 -1.11 -11.31 14.68
CA LEU E 40 -0.79 -11.89 15.97
C LEU E 40 -1.96 -11.45 16.88
N LEU E 41 -2.62 -12.43 17.53
CA LEU E 41 -3.79 -12.22 18.39
C LEU E 41 -3.50 -12.43 19.87
N LYS E 42 -3.97 -11.51 20.72
CA LYS E 42 -3.89 -11.62 22.18
C LYS E 42 -5.35 -11.73 22.67
N ASN E 43 -5.73 -12.90 23.19
CA ASN E 43 -7.06 -13.25 23.68
C ASN E 43 -8.14 -13.08 22.58
N GLY E 44 -7.78 -13.47 21.35
CA GLY E 44 -8.65 -13.40 20.18
C GLY E 44 -8.68 -12.05 19.50
N GLU E 45 -7.92 -11.05 20.06
CA GLU E 45 -7.82 -9.67 19.62
C GLU E 45 -6.48 -9.34 18.91
N ARG E 46 -6.56 -8.66 17.77
CA ARG E 46 -5.41 -8.21 16.97
C ARG E 46 -4.42 -7.37 17.78
N ILE E 47 -3.13 -7.74 17.74
CA ILE E 47 -2.05 -6.98 18.38
C ILE E 47 -1.74 -5.88 17.34
N GLU E 48 -1.39 -4.67 17.80
CA GLU E 48 -1.18 -3.54 16.87
C GLU E 48 0.22 -3.34 16.37
N LYS E 49 1.23 -3.44 17.23
CA LYS E 49 2.59 -3.15 16.77
C LYS E 49 3.35 -4.40 16.33
N VAL E 50 2.87 -5.01 15.22
CA VAL E 50 3.45 -6.23 14.64
C VAL E 50 4.32 -5.89 13.44
N GLU E 51 5.62 -6.25 13.53
CA GLU E 51 6.58 -6.09 12.43
C GLU E 51 6.70 -7.41 11.62
N HIS E 52 7.29 -7.34 10.40
CA HIS E 52 7.58 -8.51 9.57
C HIS E 52 8.90 -8.35 8.81
N SER E 53 9.50 -9.48 8.45
CA SER E 53 10.74 -9.56 7.69
C SER E 53 10.46 -9.21 6.23
N ASP E 54 11.51 -8.85 5.48
CA ASP E 54 11.42 -8.57 4.04
C ASP E 54 11.11 -9.86 3.31
N LEU E 55 10.22 -9.80 2.31
CA LEU E 55 9.79 -10.95 1.52
C LEU E 55 10.98 -11.64 0.87
N SER E 56 11.12 -12.91 1.18
CA SER E 56 12.17 -13.77 0.64
C SER E 56 11.53 -15.10 0.32
N PHE E 57 12.33 -16.04 -0.21
CA PHE E 57 11.84 -17.35 -0.61
C PHE E 57 12.93 -18.40 -0.56
N SER E 58 12.50 -19.67 -0.60
CA SER E 58 13.35 -20.84 -0.54
C SER E 58 13.78 -21.28 -1.96
N LYS E 59 14.66 -22.32 -2.05
CA LYS E 59 15.20 -22.91 -3.29
C LYS E 59 14.08 -23.38 -4.21
N ASP E 60 13.00 -23.91 -3.60
CA ASP E 60 11.79 -24.42 -4.24
C ASP E 60 10.87 -23.29 -4.73
N TRP E 61 11.25 -22.00 -4.47
CA TRP E 61 10.53 -20.77 -4.86
C TRP E 61 9.35 -20.39 -3.94
N SER E 62 9.10 -21.14 -2.88
CA SER E 62 7.96 -20.81 -2.02
C SER E 62 8.42 -19.78 -1.03
N PHE E 63 7.54 -18.84 -0.76
CA PHE E 63 7.80 -17.70 0.10
C PHE E 63 7.86 -18.00 1.58
N TYR E 64 8.49 -17.09 2.33
CA TYR E 64 8.50 -17.17 3.78
C TYR E 64 8.57 -15.79 4.40
N LEU E 65 7.88 -15.62 5.53
CA LEU E 65 7.84 -14.37 6.30
C LEU E 65 7.82 -14.66 7.78
N LEU E 66 8.49 -13.80 8.54
CA LEU E 66 8.43 -13.86 9.97
C LEU E 66 7.69 -12.60 10.45
N TYR E 67 6.54 -12.78 11.11
CA TYR E 67 5.79 -11.69 11.77
C TYR E 67 6.14 -11.81 13.26
N TYR E 68 6.44 -10.69 13.92
CA TYR E 68 6.89 -10.73 15.31
C TYR E 68 6.52 -9.48 16.11
N THR E 69 6.36 -9.65 17.44
CA THR E 69 6.06 -8.55 18.36
C THR E 69 6.66 -8.84 19.73
N GLU E 70 7.04 -7.79 20.44
CA GLU E 70 7.50 -7.91 21.82
C GLU E 70 6.26 -8.17 22.67
N PHE E 71 6.37 -9.09 23.65
CA PHE E 71 5.25 -9.45 24.53
C PHE E 71 5.74 -9.97 25.87
N THR E 72 4.89 -9.87 26.90
CA THR E 72 5.18 -10.39 28.23
C THR E 72 4.15 -11.50 28.49
N PRO E 73 4.53 -12.79 28.30
CA PRO E 73 3.58 -13.87 28.56
C PRO E 73 3.24 -14.00 30.06
N THR E 74 2.01 -14.45 30.34
CA THR E 74 1.46 -14.68 31.69
C THR E 74 0.70 -16.03 31.66
N GLU E 75 0.23 -16.49 32.83
CA GLU E 75 -0.49 -17.75 32.96
C GLU E 75 -1.86 -17.75 32.27
N LYS E 76 -2.60 -16.62 32.34
CA LYS E 76 -3.97 -16.42 31.84
C LYS E 76 -4.09 -16.01 30.33
N ASP E 77 -3.17 -15.15 29.82
CA ASP E 77 -3.19 -14.63 28.46
C ASP E 77 -2.95 -15.71 27.40
N GLU E 78 -3.81 -15.69 26.36
CA GLU E 78 -3.78 -16.60 25.22
C GLU E 78 -3.24 -15.87 23.99
N TYR E 79 -2.34 -16.54 23.27
CA TYR E 79 -1.77 -16.00 22.03
C TYR E 79 -2.02 -16.96 20.92
N ALA E 80 -2.14 -16.41 19.73
CA ALA E 80 -2.42 -17.14 18.50
C ALA E 80 -1.96 -16.29 17.30
N CYS E 81 -1.88 -16.93 16.11
CA CYS E 81 -1.56 -16.28 14.86
C CYS E 81 -2.76 -16.56 13.98
N ARG E 82 -3.25 -15.56 13.25
CA ARG E 82 -4.33 -15.73 12.32
C ARG E 82 -3.75 -15.43 10.93
N VAL E 83 -3.93 -16.37 10.00
CA VAL E 83 -3.40 -16.26 8.66
C VAL E 83 -4.53 -16.37 7.64
N ASN E 84 -4.47 -15.56 6.60
CA ASN E 84 -5.39 -15.66 5.48
C ASN E 84 -4.57 -15.56 4.19
N HIS E 85 -4.91 -16.43 3.26
CA HIS E 85 -4.27 -16.61 1.97
C HIS E 85 -5.35 -17.09 1.03
N VAL E 86 -5.17 -16.84 -0.28
CA VAL E 86 -6.07 -17.21 -1.38
C VAL E 86 -6.41 -18.73 -1.37
N THR E 87 -5.46 -19.57 -0.87
CA THR E 87 -5.61 -21.03 -0.78
C THR E 87 -6.53 -21.48 0.38
N LEU E 88 -6.88 -20.54 1.28
CA LEU E 88 -7.72 -20.80 2.45
C LEU E 88 -9.14 -20.33 2.26
N SER E 89 -10.11 -21.20 2.56
CA SER E 89 -11.55 -20.89 2.47
C SER E 89 -11.97 -19.90 3.57
N GLN E 90 -11.22 -19.90 4.70
CA GLN E 90 -11.44 -19.04 5.87
C GLN E 90 -10.07 -18.77 6.55
N PRO E 91 -9.93 -17.68 7.36
CA PRO E 91 -8.66 -17.45 8.07
C PRO E 91 -8.33 -18.59 9.03
N LYS E 92 -7.04 -19.03 9.02
CA LYS E 92 -6.55 -20.10 9.86
C LYS E 92 -5.92 -19.53 11.13
N ILE E 93 -6.45 -19.96 12.29
CA ILE E 93 -5.94 -19.56 13.59
C ILE E 93 -5.13 -20.71 14.18
N VAL E 94 -3.91 -20.39 14.62
CA VAL E 94 -3.00 -21.33 15.25
C VAL E 94 -2.64 -20.72 16.60
N LYS E 95 -2.99 -21.42 17.66
CA LYS E 95 -2.73 -20.99 19.01
C LYS E 95 -1.27 -21.17 19.38
N TRP E 96 -0.74 -20.29 20.22
CA TRP E 96 0.62 -20.42 20.71
C TRP E 96 0.63 -21.41 21.86
N ASP E 97 1.46 -22.43 21.72
CA ASP E 97 1.67 -23.51 22.66
C ASP E 97 3.15 -23.39 23.07
N ARG E 98 3.45 -22.90 24.30
CA ARG E 98 4.84 -22.72 24.79
C ARG E 98 5.70 -24.02 24.78
N ASP E 99 5.07 -25.17 24.50
CA ASP E 99 5.73 -26.47 24.37
C ASP E 99 5.99 -26.86 22.88
N MET E 100 5.71 -25.96 21.92
CA MET E 100 5.92 -26.25 20.51
C MET E 100 6.59 -25.09 19.72
N THR F 1 27.61 -8.05 -3.71
CA THR F 1 27.62 -7.14 -4.85
C THR F 1 26.59 -7.64 -5.88
N TYR F 2 25.66 -6.79 -6.24
CA TYR F 2 24.59 -7.08 -7.17
C TYR F 2 25.09 -7.32 -8.59
N GLN F 3 24.28 -8.08 -9.38
CA GLN F 3 24.53 -8.34 -10.80
C GLN F 3 23.75 -7.36 -11.67
N TRP F 4 24.27 -7.06 -12.86
CA TRP F 4 23.54 -6.28 -13.88
C TRP F 4 22.55 -7.28 -14.54
N VAL F 5 21.26 -7.11 -14.28
CA VAL F 5 20.19 -7.97 -14.81
C VAL F 5 19.48 -7.17 -15.90
N LEU F 6 19.88 -7.45 -17.15
CA LEU F 6 19.43 -6.64 -18.28
C LEU F 6 18.70 -7.40 -19.39
N LYS F 7 18.92 -8.73 -19.52
CA LYS F 7 18.33 -9.47 -20.65
C LYS F 7 16.86 -9.74 -20.48
N ASN F 8 16.17 -9.78 -21.61
CA ASN F 8 14.75 -10.04 -21.60
C ASN F 8 14.44 -11.49 -21.95
N LEU F 9 13.33 -11.98 -21.41
CA LEU F 9 12.83 -13.33 -21.70
C LEU F 9 12.47 -13.41 -23.21
MG MG G . 11.75 -51.79 29.66
MG MG H . 24.13 -20.71 20.84
#